data_3O1I
#
_entry.id   3O1I
#
_cell.length_a   115.710
_cell.length_b   364.520
_cell.length_c   80.810
_cell.angle_alpha   90.00
_cell.angle_beta   90.00
_cell.angle_gamma   90.00
#
_symmetry.space_group_name_H-M   'C 2 2 21'
#
loop_
_entity.id
_entity.type
_entity.pdbx_description
1 polymer 'Sensor protein TorS'
2 polymer 'Periplasmic protein TorT'
3 non-polymer 2-{2-[2-(2-{2-[2-(2-ETHOXY-ETHOXY)-ETHOXY]-ETHOXY}-ETHOXY)-ETHOXY]-ETHOXY}-ETHANOL
4 water water
#
loop_
_entity_poly.entity_id
_entity_poly.type
_entity_poly.pdbx_seq_one_letter_code
_entity_poly.pdbx_strand_id
1 'polypeptide(L)'
;GSGSAMIEARQVSELSTRIISSVQMLSNAQNEQERKEAGRVLFEQLESLLTHIKELGGESFDSKLLDALESNVQNVINNL
AELGVTVERKLWLAKEIDTRVEEMRLLSEELEQLTRTQVQNTSTIAVANVTHIYDLLEANKKDQVYQALDALVEVDLDLT
ERLHELHLLAFKMLNQIEEARTLTNVDRIQQIQTAFENNLKIMKRRVLAVEDPTRSKQMSQLLTELGKRQVVFTILLQQY
ENNEQSQQLMQKTLELFSELNSTVNKLVDDSNKTTTK
;
A,B
2 'polypeptide(L)'
;GSGSDEKICAIYPHLKDSYWLSVNYGMVSEAEKQGVNLRVLEAGGYPNKSRQEQQLALCTQWGANAIILGTVDPHAYEHN
LKSWVGNTPVFATVNQLDLDEEQSTLLKGEVGVDWYWMGYEAGKYLAERHPKGSGKTNIALLLGPRTRGGTKPVTTGFYE
AIKNSDIHIVDSFWADNDKELQRNLVQRVIDMGNIDYIVGSAVAIEAAISELRSADKTHDIGLVSVYLSHGVYRGLLRNK
VLFAPTDKMVQQGRLSVMQAAHYLRHQPYEKQASPIIKPLTPKTLHDDTIEESLSPSEYRPTFS
;
D,C
#
loop_
_chem_comp.id
_chem_comp.type
_chem_comp.name
_chem_comp.formula
PE4 non-polymer 2-{2-[2-(2-{2-[2-(2-ETHOXY-ETHOXY)-ETHOXY]-ETHOXY}-ETHOXY)-ETHOXY]-ETHOXY}-ETHANOL 'C16 H34 O8'
#
# COMPACT_ATOMS: atom_id res chain seq x y z
N GLY A 3 50.62 50.58 16.08
CA GLY A 3 51.09 51.56 15.06
C GLY A 3 50.42 51.33 13.72
N SER A 4 51.20 50.88 12.74
CA SER A 4 50.70 50.60 11.39
C SER A 4 49.95 49.28 11.39
N ALA A 5 49.96 48.64 12.55
CA ALA A 5 49.29 47.37 12.77
C ALA A 5 47.79 47.51 12.55
N MET A 6 47.23 48.61 13.05
CA MET A 6 45.80 48.89 12.93
C MET A 6 45.37 49.00 11.47
N ILE A 7 46.33 49.19 10.58
CA ILE A 7 46.04 49.29 9.15
C ILE A 7 45.80 47.89 8.59
N GLU A 8 46.62 46.92 9.03
CA GLU A 8 46.48 45.54 8.59
C GLU A 8 45.30 44.91 9.31
N ALA A 9 45.29 45.06 10.62
CA ALA A 9 44.23 44.50 11.47
C ALA A 9 42.84 44.71 10.89
N ARG A 10 42.59 45.90 10.36
CA ARG A 10 41.29 46.20 9.78
C ARG A 10 41.01 45.29 8.61
N GLN A 11 41.92 45.30 7.64
CA GLN A 11 41.77 44.46 6.46
C GLN A 11 41.43 43.04 6.88
N VAL A 12 42.19 42.51 7.85
CA VAL A 12 41.95 41.18 8.36
C VAL A 12 40.49 41.06 8.78
N SER A 13 40.01 42.06 9.49
CA SER A 13 38.63 42.08 9.93
C SER A 13 37.66 42.19 8.76
N GLU A 14 38.11 42.85 7.69
CA GLU A 14 37.29 43.03 6.50
C GLU A 14 37.20 41.71 5.76
N LEU A 15 38.33 41.01 5.67
CA LEU A 15 38.39 39.72 4.99
C LEU A 15 37.62 38.71 5.82
N SER A 16 37.92 38.65 7.11
CA SER A 16 37.22 37.71 7.97
C SER A 16 35.74 37.72 7.65
N THR A 17 35.17 38.91 7.45
CA THR A 17 33.75 39.00 7.15
C THR A 17 33.39 38.57 5.73
N ARG A 18 34.37 38.58 4.83
CA ARG A 18 34.12 38.17 3.46
C ARG A 18 34.26 36.66 3.34
N ILE A 19 35.24 36.10 4.03
CA ILE A 19 35.44 34.66 4.02
C ILE A 19 34.13 34.04 4.51
N ILE A 20 33.68 34.50 5.68
CA ILE A 20 32.45 34.00 6.27
C ILE A 20 31.31 34.07 5.25
N SER A 21 31.36 35.08 4.40
CA SER A 21 30.32 35.23 3.40
C SER A 21 30.51 34.22 2.29
N SER A 22 31.77 34.05 1.88
CA SER A 22 32.16 33.12 0.82
C SER A 22 31.88 31.66 1.11
N VAL A 23 32.04 31.25 2.36
CA VAL A 23 31.80 29.86 2.73
C VAL A 23 30.30 29.57 2.68
N GLN A 24 29.49 30.58 2.95
CA GLN A 24 28.05 30.40 2.92
C GLN A 24 27.68 30.24 1.44
N MET A 25 28.36 30.99 0.59
CA MET A 25 28.15 30.94 -0.85
C MET A 25 28.48 29.53 -1.32
N LEU A 26 29.61 29.01 -0.83
CA LEU A 26 30.09 27.67 -1.17
C LEU A 26 29.15 26.59 -0.64
N SER A 27 28.66 26.80 0.56
CA SER A 27 27.74 25.86 1.18
C SER A 27 26.47 25.76 0.32
N ASN A 28 26.13 26.83 -0.39
CA ASN A 28 24.94 26.85 -1.25
C ASN A 28 25.19 26.30 -2.66
N ALA A 29 26.45 26.01 -3.00
CA ALA A 29 26.75 25.46 -4.32
C ALA A 29 25.78 24.33 -4.58
N GLN A 30 25.23 24.27 -5.78
CA GLN A 30 24.28 23.23 -6.12
C GLN A 30 24.78 22.32 -7.25
N ASN A 31 25.84 22.73 -7.92
CA ASN A 31 26.39 21.92 -9.01
C ASN A 31 27.89 22.08 -9.05
N GLU A 32 28.55 21.31 -9.91
CA GLU A 32 30.00 21.38 -9.97
C GLU A 32 30.58 22.75 -10.31
N GLN A 33 29.84 23.58 -11.05
CA GLN A 33 30.37 24.89 -11.40
C GLN A 33 30.27 25.85 -10.22
N GLU A 34 29.06 26.07 -9.72
CA GLU A 34 28.85 26.96 -8.59
C GLU A 34 29.90 26.69 -7.50
N ARG A 35 30.13 25.41 -7.24
CA ARG A 35 31.09 24.99 -6.24
C ARG A 35 32.49 25.48 -6.63
N LYS A 36 32.83 25.32 -7.90
CA LYS A 36 34.14 25.72 -8.36
C LYS A 36 34.42 27.22 -8.33
N GLU A 37 33.41 28.02 -8.68
CA GLU A 37 33.61 29.47 -8.69
C GLU A 37 33.71 29.93 -7.25
N ALA A 38 32.77 29.48 -6.43
CA ALA A 38 32.76 29.82 -5.02
C ALA A 38 34.12 29.45 -4.42
N GLY A 39 34.64 28.29 -4.83
CA GLY A 39 35.92 27.86 -4.34
C GLY A 39 36.97 28.84 -4.79
N ARG A 40 36.81 29.34 -6.02
CA ARG A 40 37.76 30.29 -6.59
C ARG A 40 37.89 31.53 -5.70
N VAL A 41 36.75 32.15 -5.43
CA VAL A 41 36.74 33.36 -4.61
C VAL A 41 37.23 33.06 -3.21
N LEU A 42 36.82 31.93 -2.66
CA LEU A 42 37.23 31.59 -1.31
C LEU A 42 38.73 31.42 -1.25
N PHE A 43 39.32 30.89 -2.31
CA PHE A 43 40.76 30.69 -2.34
C PHE A 43 41.54 32.01 -2.31
N GLU A 44 41.13 32.95 -3.15
CA GLU A 44 41.78 34.27 -3.24
C GLU A 44 41.62 35.00 -1.91
N GLN A 45 40.38 35.21 -1.50
CA GLN A 45 40.12 35.87 -0.25
C GLN A 45 41.00 35.32 0.85
N LEU A 46 41.05 34.01 0.97
CA LEU A 46 41.88 33.40 2.02
C LEU A 46 43.37 33.69 1.85
N GLU A 47 43.81 33.83 0.61
CA GLU A 47 45.21 34.10 0.34
C GLU A 47 45.54 35.52 0.83
N SER A 48 44.60 36.44 0.64
CA SER A 48 44.77 37.83 1.05
C SER A 48 44.84 37.88 2.56
N LEU A 49 43.95 37.15 3.21
CA LEU A 49 43.91 37.11 4.65
C LEU A 49 45.25 36.68 5.21
N LEU A 50 45.92 35.77 4.51
CA LEU A 50 47.20 35.25 4.95
C LEU A 50 48.37 36.21 4.84
N THR A 51 48.34 37.09 3.84
CA THR A 51 49.41 38.06 3.66
C THR A 51 49.30 39.11 4.78
N HIS A 52 48.09 39.61 4.99
CA HIS A 52 47.90 40.60 6.03
C HIS A 52 48.20 40.03 7.42
N ILE A 53 47.87 38.77 7.65
CA ILE A 53 48.16 38.18 8.95
C ILE A 53 49.67 38.10 9.13
N LYS A 54 50.37 37.79 8.04
CA LYS A 54 51.82 37.68 8.07
C LYS A 54 52.46 39.00 8.44
N GLU A 55 52.03 40.06 7.76
CA GLU A 55 52.55 41.39 8.00
C GLU A 55 52.29 41.79 9.45
N LEU A 56 51.07 41.55 9.90
CA LEU A 56 50.70 41.90 11.26
C LEU A 56 51.55 41.13 12.26
N GLY A 57 52.25 40.11 11.78
CA GLY A 57 53.09 39.30 12.65
C GLY A 57 54.43 39.93 12.93
N GLY A 58 54.87 40.80 12.03
CA GLY A 58 56.14 41.47 12.20
C GLY A 58 56.06 42.50 13.32
N GLU A 59 54.84 42.97 13.61
CA GLU A 59 54.64 43.98 14.65
C GLU A 59 54.60 43.37 16.06
N SER A 60 55.30 42.26 16.25
CA SER A 60 55.35 41.61 17.56
C SER A 60 56.54 40.70 17.69
N PHE A 61 56.96 40.47 18.91
CA PHE A 61 58.10 39.59 19.16
C PHE A 61 57.76 38.64 20.29
N ASP A 62 56.50 38.66 20.73
CA ASP A 62 56.04 37.76 21.78
C ASP A 62 56.03 36.36 21.19
N SER A 63 56.96 35.51 21.63
CA SER A 63 57.03 34.15 21.12
C SER A 63 55.73 33.38 21.37
N LYS A 64 55.12 33.58 22.53
CA LYS A 64 53.88 32.89 22.83
C LYS A 64 52.72 33.36 21.96
N LEU A 65 52.50 34.67 21.93
CA LEU A 65 51.41 35.23 21.15
C LEU A 65 51.37 34.81 19.67
N LEU A 66 52.48 34.96 18.96
CA LEU A 66 52.51 34.60 17.55
C LEU A 66 52.18 33.12 17.33
N ASP A 67 52.48 32.31 18.34
CA ASP A 67 52.19 30.89 18.28
C ASP A 67 50.68 30.75 18.19
N ALA A 68 49.98 31.32 19.17
CA ALA A 68 48.53 31.28 19.20
C ALA A 68 48.02 31.76 17.86
N LEU A 69 48.53 32.89 17.41
CA LEU A 69 48.12 33.44 16.13
C LEU A 69 48.23 32.40 15.03
N GLU A 70 49.41 31.82 14.89
CA GLU A 70 49.65 30.84 13.86
C GLU A 70 48.64 29.69 13.97
N SER A 71 48.24 29.39 15.19
CA SER A 71 47.28 28.33 15.44
C SER A 71 45.91 28.71 14.90
N ASN A 72 45.45 29.91 15.26
CA ASN A 72 44.16 30.41 14.81
C ASN A 72 44.18 30.35 13.29
N VAL A 73 45.29 30.76 12.71
CA VAL A 73 45.41 30.75 11.27
C VAL A 73 45.23 29.33 10.73
N GLN A 74 45.94 28.38 11.33
CA GLN A 74 45.89 27.00 10.91
C GLN A 74 44.47 26.44 11.03
N ASN A 75 43.85 26.62 12.20
CA ASN A 75 42.52 26.13 12.40
C ASN A 75 41.56 26.70 11.37
N VAL A 76 41.73 27.97 10.99
CA VAL A 76 40.88 28.56 9.96
C VAL A 76 41.10 27.88 8.61
N ILE A 77 42.36 27.57 8.31
CA ILE A 77 42.73 26.90 7.07
C ILE A 77 42.13 25.49 6.98
N ASN A 78 42.26 24.74 8.06
CA ASN A 78 41.71 23.39 8.06
C ASN A 78 40.18 23.43 8.01
N ASN A 79 39.60 24.34 8.77
CA ASN A 79 38.17 24.48 8.81
C ASN A 79 37.60 24.69 7.42
N LEU A 80 38.14 25.68 6.69
CA LEU A 80 37.65 25.96 5.34
C LEU A 80 37.86 24.81 4.35
N ALA A 81 38.92 24.04 4.56
CA ALA A 81 39.22 22.92 3.67
C ALA A 81 38.25 21.78 3.90
N GLU A 82 37.92 21.51 5.16
CA GLU A 82 36.98 20.46 5.51
C GLU A 82 35.62 20.88 4.99
N LEU A 83 35.31 22.16 5.07
CA LEU A 83 34.03 22.61 4.60
C LEU A 83 33.92 22.26 3.13
N GLY A 84 34.99 22.54 2.39
CA GLY A 84 35.05 22.24 0.97
C GLY A 84 34.82 20.74 0.74
N VAL A 85 35.54 19.90 1.48
CA VAL A 85 35.40 18.45 1.34
C VAL A 85 33.93 18.08 1.45
N THR A 86 33.29 18.75 2.40
CA THR A 86 31.89 18.56 2.72
C THR A 86 30.98 18.87 1.55
N VAL A 87 31.23 19.99 0.87
CA VAL A 87 30.41 20.37 -0.29
C VAL A 87 30.60 19.37 -1.44
N GLU A 88 31.85 18.93 -1.60
CA GLU A 88 32.24 17.97 -2.62
C GLU A 88 31.41 16.71 -2.44
N ARG A 89 31.29 16.29 -1.19
CA ARG A 89 30.50 15.12 -0.88
C ARG A 89 29.00 15.36 -1.04
N LYS A 90 28.53 16.54 -0.61
CA LYS A 90 27.12 16.89 -0.75
C LYS A 90 26.68 16.62 -2.20
N LEU A 91 27.49 17.05 -3.16
CA LEU A 91 27.15 16.87 -4.56
C LEU A 91 27.27 15.43 -5.03
N TRP A 92 28.26 14.70 -4.52
CA TRP A 92 28.45 13.32 -4.90
C TRP A 92 27.26 12.52 -4.42
N LEU A 93 27.01 12.55 -3.12
CA LEU A 93 25.89 11.83 -2.55
C LEU A 93 24.52 12.19 -3.16
N ALA A 94 24.33 13.42 -3.60
CA ALA A 94 23.04 13.74 -4.19
C ALA A 94 22.85 12.92 -5.44
N LYS A 95 23.78 13.05 -6.38
CA LYS A 95 23.70 12.31 -7.63
C LYS A 95 23.60 10.83 -7.41
N GLU A 96 24.42 10.31 -6.51
CA GLU A 96 24.41 8.89 -6.26
C GLU A 96 23.14 8.32 -5.65
N ILE A 97 22.46 9.08 -4.80
CA ILE A 97 21.23 8.60 -4.21
C ILE A 97 20.12 8.68 -5.26
N ASP A 98 20.13 9.72 -6.08
CA ASP A 98 19.09 9.81 -7.08
C ASP A 98 19.19 8.66 -8.09
N THR A 99 20.43 8.34 -8.44
CA THR A 99 20.71 7.27 -9.37
C THR A 99 20.28 5.93 -8.78
N ARG A 100 20.74 5.63 -7.58
CA ARG A 100 20.44 4.36 -6.98
C ARG A 100 18.97 4.16 -6.62
N VAL A 101 18.32 5.26 -6.25
CA VAL A 101 16.93 5.20 -5.88
C VAL A 101 16.10 4.98 -7.15
N GLU A 102 16.50 5.63 -8.25
CA GLU A 102 15.80 5.49 -9.52
C GLU A 102 15.79 4.03 -9.91
N GLU A 103 16.98 3.41 -9.87
CA GLU A 103 17.11 1.98 -10.19
C GLU A 103 16.12 1.18 -9.35
N MET A 104 16.19 1.35 -8.04
CA MET A 104 15.29 0.64 -7.15
C MET A 104 13.83 0.87 -7.47
N ARG A 105 13.48 2.12 -7.74
CA ARG A 105 12.10 2.40 -8.04
C ARG A 105 11.71 1.45 -9.17
N LEU A 106 12.47 1.49 -10.27
CA LEU A 106 12.17 0.64 -11.41
C LEU A 106 11.99 -0.82 -11.06
N LEU A 107 12.85 -1.31 -10.17
CA LEU A 107 12.73 -2.69 -9.79
C LEU A 107 11.48 -3.01 -8.99
N SER A 108 11.23 -2.26 -7.92
CA SER A 108 10.09 -2.53 -7.06
C SER A 108 8.79 -2.23 -7.76
N GLU A 109 8.86 -1.33 -8.73
CA GLU A 109 7.67 -0.97 -9.50
C GLU A 109 7.31 -2.18 -10.35
N GLU A 110 8.32 -2.81 -10.92
CA GLU A 110 8.09 -3.96 -11.75
C GLU A 110 7.50 -5.08 -10.88
N LEU A 111 8.07 -5.25 -9.70
CA LEU A 111 7.61 -6.27 -8.78
C LEU A 111 6.15 -6.03 -8.37
N GLU A 112 5.78 -4.78 -8.16
CA GLU A 112 4.42 -4.49 -7.77
C GLU A 112 3.46 -4.83 -8.91
N GLN A 113 3.86 -4.50 -10.14
CA GLN A 113 3.07 -4.78 -11.34
C GLN A 113 2.99 -6.30 -11.60
N LEU A 114 4.06 -7.00 -11.25
CA LEU A 114 4.11 -8.43 -11.45
C LEU A 114 3.08 -9.08 -10.53
N THR A 115 3.13 -8.76 -9.24
CA THR A 115 2.18 -9.31 -8.28
C THR A 115 0.75 -8.91 -8.69
N ARG A 116 0.61 -7.74 -9.28
CA ARG A 116 -0.71 -7.30 -9.70
C ARG A 116 -1.21 -8.22 -10.80
N THR A 117 -0.41 -8.42 -11.83
CA THR A 117 -0.78 -9.31 -12.92
C THR A 117 -1.16 -10.70 -12.40
N GLN A 118 -0.44 -11.20 -11.40
CA GLN A 118 -0.77 -12.53 -10.88
C GLN A 118 -2.14 -12.51 -10.24
N VAL A 119 -2.45 -11.40 -9.58
CA VAL A 119 -3.73 -11.24 -8.92
C VAL A 119 -4.86 -11.37 -9.95
N GLN A 120 -4.73 -10.64 -11.05
CA GLN A 120 -5.75 -10.65 -12.08
C GLN A 120 -5.85 -11.95 -12.89
N ASN A 121 -4.74 -12.69 -12.97
CA ASN A 121 -4.75 -13.96 -13.66
C ASN A 121 -5.51 -14.89 -12.73
N THR A 122 -5.11 -14.92 -11.47
CA THR A 122 -5.74 -15.76 -10.46
C THR A 122 -7.24 -15.57 -10.36
N SER A 123 -7.73 -14.38 -10.71
CA SER A 123 -9.16 -14.17 -10.63
C SER A 123 -9.82 -14.74 -11.90
N THR A 124 -9.22 -14.44 -13.06
CA THR A 124 -9.73 -14.95 -14.32
C THR A 124 -9.86 -16.47 -14.28
N ILE A 125 -8.82 -17.13 -13.81
CA ILE A 125 -8.80 -18.58 -13.72
C ILE A 125 -9.82 -19.10 -12.71
N ALA A 126 -10.33 -18.21 -11.88
CA ALA A 126 -11.33 -18.61 -10.90
C ALA A 126 -12.65 -18.71 -11.64
N VAL A 127 -12.93 -17.71 -12.48
CA VAL A 127 -14.14 -17.70 -13.28
C VAL A 127 -14.16 -18.99 -14.09
N ALA A 128 -13.06 -19.26 -14.80
CA ALA A 128 -12.93 -20.45 -15.62
C ALA A 128 -13.11 -21.72 -14.80
N ASN A 129 -12.27 -21.90 -13.79
CA ASN A 129 -12.36 -23.08 -12.93
C ASN A 129 -13.80 -23.34 -12.46
N VAL A 130 -14.62 -22.30 -12.46
CA VAL A 130 -16.01 -22.42 -12.03
C VAL A 130 -16.87 -22.73 -13.25
N THR A 131 -16.64 -22.00 -14.34
CA THR A 131 -17.39 -22.23 -15.56
C THR A 131 -17.27 -23.69 -15.94
N HIS A 132 -16.20 -24.31 -15.46
CA HIS A 132 -15.91 -25.71 -15.74
C HIS A 132 -16.72 -26.60 -14.80
N ILE A 133 -17.07 -26.06 -13.64
CA ILE A 133 -17.86 -26.82 -12.68
C ILE A 133 -19.21 -27.04 -13.35
N TYR A 134 -19.66 -26.03 -14.09
CA TYR A 134 -20.94 -26.07 -14.81
C TYR A 134 -21.02 -27.30 -15.72
N ASP A 135 -20.21 -27.31 -16.77
CA ASP A 135 -20.20 -28.41 -17.72
C ASP A 135 -19.99 -29.74 -17.01
N LEU A 136 -19.15 -29.73 -15.99
CA LEU A 136 -18.86 -30.92 -15.20
C LEU A 136 -20.10 -31.38 -14.43
N LEU A 137 -20.96 -30.43 -14.07
CA LEU A 137 -22.17 -30.75 -13.31
C LEU A 137 -23.25 -31.37 -14.19
N GLU A 138 -23.50 -30.75 -15.34
CA GLU A 138 -24.50 -31.23 -16.27
C GLU A 138 -24.29 -32.71 -16.62
N ALA A 139 -23.05 -33.08 -16.91
CA ALA A 139 -22.71 -34.45 -17.24
C ALA A 139 -22.93 -35.37 -16.04
N ASN A 140 -23.36 -34.78 -14.93
CA ASN A 140 -23.65 -35.50 -13.69
C ASN A 140 -22.48 -36.22 -13.00
N LYS A 141 -21.25 -35.88 -13.36
CA LYS A 141 -20.09 -36.51 -12.72
C LYS A 141 -19.88 -35.87 -11.35
N LYS A 142 -20.97 -35.84 -10.59
CA LYS A 142 -21.02 -35.26 -9.26
C LYS A 142 -19.80 -35.54 -8.38
N ASP A 143 -19.18 -36.69 -8.55
CA ASP A 143 -18.01 -37.04 -7.76
C ASP A 143 -16.87 -36.09 -8.05
N GLN A 144 -16.71 -35.72 -9.32
CA GLN A 144 -15.68 -34.81 -9.74
C GLN A 144 -16.07 -33.39 -9.35
N VAL A 145 -17.31 -33.00 -9.65
CA VAL A 145 -17.79 -31.67 -9.30
C VAL A 145 -17.45 -31.39 -7.85
N TYR A 146 -17.45 -32.43 -7.03
CA TYR A 146 -17.11 -32.30 -5.63
C TYR A 146 -15.67 -31.84 -5.56
N GLN A 147 -14.77 -32.62 -6.13
CA GLN A 147 -13.36 -32.28 -6.13
C GLN A 147 -13.16 -30.87 -6.67
N ALA A 148 -13.66 -30.63 -7.88
CA ALA A 148 -13.52 -29.33 -8.52
C ALA A 148 -13.93 -28.18 -7.60
N LEU A 149 -14.72 -28.49 -6.58
CA LEU A 149 -15.16 -27.47 -5.62
C LEU A 149 -14.10 -27.33 -4.54
N ASP A 150 -13.56 -28.45 -4.09
CA ASP A 150 -12.53 -28.44 -3.05
C ASP A 150 -11.31 -27.60 -3.45
N ALA A 151 -10.91 -27.73 -4.71
CA ALA A 151 -9.76 -26.98 -5.21
C ALA A 151 -10.15 -25.50 -5.23
N LEU A 152 -11.31 -25.21 -5.80
CA LEU A 152 -11.84 -23.85 -5.90
C LEU A 152 -11.78 -23.12 -4.55
N VAL A 153 -11.61 -23.88 -3.47
CA VAL A 153 -11.53 -23.28 -2.15
C VAL A 153 -10.13 -23.46 -1.57
N GLU A 154 -9.62 -24.68 -1.66
CA GLU A 154 -8.29 -24.99 -1.13
C GLU A 154 -7.14 -24.37 -1.90
N VAL A 155 -7.32 -24.14 -3.19
CA VAL A 155 -6.28 -23.55 -4.00
C VAL A 155 -6.77 -22.28 -4.71
N ASP A 156 -7.77 -22.41 -5.57
CA ASP A 156 -8.29 -21.26 -6.31
C ASP A 156 -8.63 -20.07 -5.40
N LEU A 157 -9.46 -20.31 -4.38
CA LEU A 157 -9.89 -19.24 -3.48
C LEU A 157 -8.79 -18.80 -2.51
N ASP A 158 -8.10 -19.77 -1.93
CA ASP A 158 -7.04 -19.51 -0.97
C ASP A 158 -5.87 -18.75 -1.58
N LEU A 159 -5.64 -18.95 -2.88
CA LEU A 159 -4.56 -18.28 -3.60
C LEU A 159 -4.85 -16.79 -3.74
N THR A 160 -6.13 -16.45 -3.95
CA THR A 160 -6.58 -15.07 -4.13
C THR A 160 -6.20 -14.21 -2.92
N GLU A 161 -6.24 -14.79 -1.72
CA GLU A 161 -5.87 -14.04 -0.54
C GLU A 161 -4.36 -13.94 -0.45
N ARG A 162 -3.67 -15.04 -0.67
CA ARG A 162 -2.22 -15.02 -0.62
C ARG A 162 -1.64 -13.89 -1.46
N LEU A 163 -2.10 -13.79 -2.72
CA LEU A 163 -1.61 -12.76 -3.61
C LEU A 163 -1.98 -11.36 -3.14
N HIS A 164 -3.20 -11.16 -2.66
CA HIS A 164 -3.62 -9.84 -2.15
C HIS A 164 -2.60 -9.37 -1.10
N GLU A 165 -2.13 -10.30 -0.28
CA GLU A 165 -1.15 -10.00 0.76
C GLU A 165 0.21 -9.66 0.16
N LEU A 166 0.64 -10.49 -0.78
CA LEU A 166 1.91 -10.30 -1.44
C LEU A 166 1.88 -8.91 -2.07
N HIS A 167 0.80 -8.64 -2.77
CA HIS A 167 0.63 -7.38 -3.44
C HIS A 167 0.67 -6.17 -2.50
N LEU A 168 0.22 -6.37 -1.25
CA LEU A 168 0.24 -5.27 -0.30
C LEU A 168 1.68 -5.04 0.11
N LEU A 169 2.41 -6.12 0.32
CA LEU A 169 3.81 -6.00 0.72
C LEU A 169 4.65 -5.33 -0.36
N ALA A 170 4.41 -5.69 -1.61
CA ALA A 170 5.18 -5.11 -2.68
C ALA A 170 4.85 -3.63 -2.82
N PHE A 171 3.58 -3.27 -2.62
CA PHE A 171 3.11 -1.90 -2.73
C PHE A 171 3.75 -1.08 -1.58
N LYS A 172 3.83 -1.68 -0.40
CA LYS A 172 4.42 -1.03 0.75
C LYS A 172 5.87 -0.70 0.38
N MET A 173 6.60 -1.73 -0.02
CA MET A 173 7.99 -1.60 -0.42
C MET A 173 8.17 -0.48 -1.46
N LEU A 174 7.35 -0.52 -2.48
CA LEU A 174 7.44 0.48 -3.51
C LEU A 174 7.26 1.90 -2.91
N ASN A 175 6.41 2.03 -1.90
CA ASN A 175 6.18 3.34 -1.30
C ASN A 175 7.41 3.78 -0.55
N GLN A 176 8.02 2.85 0.17
CA GLN A 176 9.21 3.18 0.92
C GLN A 176 10.30 3.75 -0.02
N ILE A 177 10.53 3.06 -1.13
CA ILE A 177 11.50 3.51 -2.11
C ILE A 177 11.09 4.87 -2.67
N GLU A 178 9.81 5.05 -2.94
CA GLU A 178 9.38 6.35 -3.46
C GLU A 178 9.65 7.48 -2.47
N GLU A 179 9.62 7.18 -1.18
CA GLU A 179 9.85 8.21 -0.15
C GLU A 179 11.34 8.45 0.08
N ALA A 180 12.15 7.44 -0.19
CA ALA A 180 13.59 7.47 0.01
C ALA A 180 14.39 8.55 -0.71
N ARG A 181 14.01 8.91 -1.93
CA ARG A 181 14.81 9.90 -2.63
C ARG A 181 14.85 11.29 -2.02
N THR A 182 13.95 11.60 -1.09
CA THR A 182 13.98 12.92 -0.50
C THR A 182 13.92 12.85 1.01
N LEU A 183 14.47 11.77 1.54
CA LEU A 183 14.49 11.52 2.97
C LEU A 183 15.68 12.24 3.65
N THR A 184 15.40 13.07 4.64
CA THR A 184 16.50 13.76 5.32
C THR A 184 16.40 13.66 6.83
N ASN A 185 15.43 12.92 7.33
CA ASN A 185 15.25 12.78 8.76
C ASN A 185 15.97 11.53 9.25
N VAL A 186 17.03 11.70 10.02
CA VAL A 186 17.79 10.54 10.49
C VAL A 186 16.91 9.41 11.05
N ASP A 187 15.95 9.76 11.90
CA ASP A 187 15.09 8.76 12.51
C ASP A 187 14.27 7.99 11.48
N ARG A 188 13.63 8.72 10.58
CA ARG A 188 12.81 8.11 9.55
C ARG A 188 13.67 7.22 8.64
N ILE A 189 14.84 7.70 8.26
CA ILE A 189 15.68 6.89 7.39
C ILE A 189 15.94 5.52 8.01
N GLN A 190 16.15 5.48 9.33
CA GLN A 190 16.44 4.23 9.99
C GLN A 190 15.20 3.35 10.11
N GLN A 191 14.07 4.00 10.34
CA GLN A 191 12.83 3.28 10.46
C GLN A 191 12.52 2.54 9.16
N ILE A 192 12.53 3.26 8.04
CA ILE A 192 12.26 2.65 6.75
C ILE A 192 13.30 1.58 6.49
N GLN A 193 14.56 1.88 6.81
CA GLN A 193 15.63 0.92 6.58
C GLN A 193 15.36 -0.40 7.30
N THR A 194 14.98 -0.33 8.58
CA THR A 194 14.71 -1.55 9.33
C THR A 194 13.51 -2.22 8.69
N ALA A 195 12.48 -1.42 8.44
CA ALA A 195 11.27 -1.92 7.82
C ALA A 195 11.55 -2.58 6.49
N PHE A 196 12.16 -1.82 5.57
CA PHE A 196 12.48 -2.35 4.24
C PHE A 196 13.19 -3.69 4.29
N GLU A 197 14.12 -3.84 5.23
CA GLU A 197 14.86 -5.10 5.35
C GLU A 197 13.95 -6.27 5.76
N ASN A 198 13.19 -6.10 6.84
CA ASN A 198 12.28 -7.10 7.37
C ASN A 198 11.22 -7.47 6.36
N ASN A 199 10.77 -6.45 5.63
CA ASN A 199 9.75 -6.64 4.63
C ASN A 199 10.24 -7.42 3.42
N LEU A 200 11.54 -7.36 3.19
CA LEU A 200 12.11 -8.06 2.06
C LEU A 200 12.28 -9.53 2.42
N LYS A 201 12.53 -9.78 3.69
CA LYS A 201 12.71 -11.14 4.16
C LYS A 201 11.37 -11.88 4.01
N ILE A 202 10.32 -11.23 4.48
CA ILE A 202 8.97 -11.76 4.41
C ILE A 202 8.58 -12.06 2.97
N MET A 203 8.83 -11.13 2.07
CA MET A 203 8.46 -11.37 0.69
C MET A 203 9.31 -12.44 0.02
N LYS A 204 10.52 -12.63 0.52
CA LYS A 204 11.42 -13.63 -0.05
C LYS A 204 10.87 -15.03 0.15
N ARG A 205 10.14 -15.26 1.23
CA ARG A 205 9.58 -16.59 1.38
C ARG A 205 8.12 -16.63 0.98
N ARG A 206 7.37 -15.57 1.24
CA ARG A 206 5.97 -15.58 0.86
C ARG A 206 5.83 -15.69 -0.64
N VAL A 207 6.89 -15.32 -1.35
CA VAL A 207 6.85 -15.37 -2.79
C VAL A 207 7.07 -16.78 -3.31
N LEU A 208 7.84 -17.59 -2.56
CA LEU A 208 8.12 -18.96 -2.98
C LEU A 208 6.85 -19.77 -3.11
N ALA A 209 5.85 -19.44 -2.28
CA ALA A 209 4.59 -20.15 -2.30
C ALA A 209 3.47 -19.40 -3.03
N VAL A 210 3.68 -19.12 -4.31
CA VAL A 210 2.66 -18.45 -5.11
C VAL A 210 1.95 -19.52 -5.95
N GLU A 211 1.57 -19.19 -7.17
CA GLU A 211 0.90 -20.16 -8.03
C GLU A 211 1.90 -20.93 -8.89
N ASP A 212 2.57 -20.21 -9.79
CA ASP A 212 3.55 -20.83 -10.69
C ASP A 212 4.98 -20.73 -10.17
N PRO A 213 5.70 -21.85 -10.19
CA PRO A 213 7.10 -21.87 -9.73
C PRO A 213 8.02 -21.05 -10.63
N THR A 214 7.73 -21.05 -11.93
CA THR A 214 8.53 -20.29 -12.87
C THR A 214 8.43 -18.79 -12.62
N ARG A 215 7.39 -18.39 -11.90
CA ARG A 215 7.23 -16.98 -11.62
C ARG A 215 7.78 -16.69 -10.23
N SER A 216 7.89 -17.71 -9.39
CA SER A 216 8.45 -17.53 -8.05
C SER A 216 9.95 -17.30 -8.23
N LYS A 217 10.39 -17.37 -9.48
CA LYS A 217 11.79 -17.14 -9.83
C LYS A 217 11.93 -15.69 -10.24
N GLN A 218 11.05 -15.25 -11.13
CA GLN A 218 11.03 -13.89 -11.63
C GLN A 218 11.04 -12.93 -10.43
N MET A 219 10.18 -13.21 -9.46
CA MET A 219 10.07 -12.41 -8.27
C MET A 219 11.25 -12.59 -7.35
N SER A 220 11.63 -13.83 -7.09
CA SER A 220 12.78 -14.08 -6.23
C SER A 220 14.03 -13.39 -6.77
N GLN A 221 14.04 -13.16 -8.08
CA GLN A 221 15.18 -12.51 -8.70
C GLN A 221 15.07 -11.02 -8.44
N LEU A 222 13.87 -10.47 -8.61
CA LEU A 222 13.65 -9.05 -8.36
C LEU A 222 13.95 -8.70 -6.91
N LEU A 223 13.61 -9.60 -6.00
CA LEU A 223 13.87 -9.33 -4.59
C LEU A 223 15.36 -9.43 -4.32
N THR A 224 16.07 -10.18 -5.14
CA THR A 224 17.51 -10.31 -4.96
C THR A 224 18.17 -9.03 -5.45
N GLU A 225 17.67 -8.51 -6.57
CA GLU A 225 18.21 -7.28 -7.12
C GLU A 225 17.97 -6.14 -6.10
N LEU A 226 16.78 -6.14 -5.49
CA LEU A 226 16.43 -5.11 -4.50
C LEU A 226 17.23 -5.28 -3.19
N GLY A 227 17.40 -6.51 -2.74
CA GLY A 227 18.13 -6.73 -1.50
C GLY A 227 19.54 -6.22 -1.59
N LYS A 228 20.13 -6.36 -2.77
CA LYS A 228 21.50 -5.91 -2.99
C LYS A 228 21.54 -4.38 -2.97
N ARG A 229 20.42 -3.74 -3.31
CA ARG A 229 20.34 -2.29 -3.34
C ARG A 229 20.07 -1.60 -2.01
N GLN A 230 19.87 -2.37 -0.96
CA GLN A 230 19.62 -1.77 0.34
C GLN A 230 20.68 -0.76 0.82
N VAL A 231 21.84 -0.73 0.16
CA VAL A 231 22.91 0.19 0.55
C VAL A 231 22.39 1.62 0.62
N VAL A 232 21.64 2.00 -0.40
CA VAL A 232 21.09 3.33 -0.49
C VAL A 232 20.65 3.96 0.85
N PHE A 233 20.11 3.17 1.76
CA PHE A 233 19.70 3.74 3.04
C PHE A 233 20.93 4.16 3.84
N THR A 234 22.04 3.41 3.77
CA THR A 234 23.23 3.82 4.51
C THR A 234 23.83 5.07 3.90
N ILE A 235 23.70 5.16 2.58
CA ILE A 235 24.17 6.31 1.83
C ILE A 235 23.27 7.51 2.20
N LEU A 236 22.03 7.25 2.57
CA LEU A 236 21.15 8.36 2.95
C LEU A 236 21.54 8.89 4.33
N LEU A 237 22.04 7.98 5.16
CA LEU A 237 22.52 8.33 6.50
C LEU A 237 23.84 9.07 6.32
N GLN A 238 24.63 8.65 5.35
CA GLN A 238 25.91 9.28 5.07
C GLN A 238 25.62 10.70 4.56
N GLN A 239 24.53 10.87 3.83
CA GLN A 239 24.23 12.22 3.34
C GLN A 239 23.79 13.07 4.52
N TYR A 240 23.19 12.41 5.51
CA TYR A 240 22.69 13.10 6.69
C TYR A 240 23.84 13.61 7.54
N GLU A 241 24.81 12.73 7.74
CA GLU A 241 25.95 13.03 8.54
C GLU A 241 26.81 14.06 7.88
N ASN A 242 26.92 13.98 6.56
CA ASN A 242 27.71 14.94 5.79
C ASN A 242 27.15 16.33 5.96
N ASN A 243 25.83 16.48 5.88
CA ASN A 243 25.22 17.78 6.04
C ASN A 243 25.29 18.28 7.47
N GLU A 244 25.19 17.35 8.38
CA GLU A 244 25.24 17.66 9.79
C GLU A 244 26.62 18.28 10.03
N GLN A 245 27.65 17.62 9.52
CA GLN A 245 29.01 18.09 9.73
C GLN A 245 29.25 19.42 9.04
N SER A 246 28.63 19.59 7.89
CA SER A 246 28.78 20.82 7.15
C SER A 246 28.30 21.94 8.04
N GLN A 247 27.14 21.74 8.65
CA GLN A 247 26.57 22.74 9.54
C GLN A 247 27.53 23.07 10.66
N GLN A 248 27.88 22.07 11.45
CA GLN A 248 28.81 22.25 12.54
C GLN A 248 30.08 23.01 12.12
N LEU A 249 30.61 22.70 10.94
CA LEU A 249 31.81 23.38 10.49
C LEU A 249 31.59 24.84 10.28
N MET A 250 30.45 25.21 9.69
CA MET A 250 30.18 26.63 9.46
C MET A 250 29.98 27.40 10.75
N GLN A 251 29.55 26.67 11.77
CA GLN A 251 29.34 27.26 13.07
C GLN A 251 30.74 27.62 13.57
N LYS A 252 31.63 26.63 13.57
CA LYS A 252 33.01 26.78 14.02
C LYS A 252 33.77 27.83 13.22
N THR A 253 33.39 28.02 11.97
CA THR A 253 34.05 29.01 11.12
C THR A 253 33.98 30.38 11.81
N LEU A 254 32.78 30.76 12.26
CA LEU A 254 32.55 32.03 12.96
C LEU A 254 33.35 32.06 14.25
N GLU A 255 33.21 30.98 15.01
CA GLU A 255 33.89 30.86 16.26
C GLU A 255 35.41 30.87 16.05
N LEU A 256 35.87 30.45 14.88
CA LEU A 256 37.29 30.43 14.63
C LEU A 256 37.81 31.80 14.26
N PHE A 257 36.97 32.62 13.65
CA PHE A 257 37.38 33.97 13.26
C PHE A 257 37.34 34.97 14.42
N SER A 258 36.29 34.90 15.24
CA SER A 258 36.25 35.83 16.36
C SER A 258 37.44 35.47 17.24
N GLU A 259 37.96 34.25 17.08
CA GLU A 259 39.12 33.80 17.85
C GLU A 259 40.40 34.34 17.21
N LEU A 260 40.46 34.34 15.88
CA LEU A 260 41.63 34.85 15.18
C LEU A 260 41.73 36.35 15.44
N ASN A 261 40.62 37.05 15.24
CA ASN A 261 40.59 38.49 15.44
C ASN A 261 40.82 38.90 16.89
N SER A 262 40.35 38.09 17.83
CA SER A 262 40.57 38.38 19.23
C SER A 262 42.07 38.43 19.46
N THR A 263 42.81 37.61 18.74
CA THR A 263 44.24 37.59 18.89
C THR A 263 44.91 38.74 18.17
N VAL A 264 44.46 39.07 16.96
CA VAL A 264 45.06 40.16 16.18
C VAL A 264 44.91 41.50 16.90
N ASN A 265 43.92 41.55 17.80
CA ASN A 265 43.63 42.75 18.59
C ASN A 265 44.69 42.91 19.65
N LYS A 266 44.93 41.84 20.39
CA LYS A 266 45.92 41.85 21.46
C LYS A 266 47.31 42.08 20.88
N LEU A 267 47.45 41.78 19.60
CA LEU A 267 48.74 41.95 18.94
C LEU A 267 48.88 43.37 18.38
N VAL A 268 47.75 44.05 18.19
CA VAL A 268 47.78 45.41 17.68
C VAL A 268 47.96 46.38 18.85
N ASP A 269 47.91 45.86 20.07
CA ASP A 269 48.09 46.68 21.26
C ASP A 269 49.53 46.62 21.70
N ASP A 270 49.95 45.42 22.11
CA ASP A 270 51.30 45.20 22.57
C ASP A 270 52.33 45.69 21.56
N SER A 271 51.85 46.20 20.43
CA SER A 271 52.71 46.72 19.37
C SER A 271 53.36 48.06 19.78
N GLY B 3 38.96 59.33 19.86
CA GLY B 3 40.04 59.01 20.84
C GLY B 3 40.14 57.54 21.13
N SER B 4 39.33 57.05 22.08
CA SER B 4 39.31 55.65 22.44
C SER B 4 38.31 54.93 21.53
N ALA B 5 38.01 55.58 20.41
CA ALA B 5 37.08 55.05 19.42
C ALA B 5 37.49 53.62 19.06
N MET B 6 38.78 53.33 19.17
CA MET B 6 39.30 52.01 18.85
C MET B 6 38.70 50.91 19.71
N ILE B 7 39.07 50.89 20.99
CA ILE B 7 38.57 49.87 21.92
C ILE B 7 37.06 49.67 21.77
N GLU B 8 36.38 50.69 21.28
CA GLU B 8 34.94 50.60 21.11
C GLU B 8 34.62 49.89 19.79
N ALA B 9 35.18 50.42 18.71
CA ALA B 9 34.96 49.84 17.39
C ALA B 9 35.35 48.38 17.32
N ARG B 10 36.33 47.98 18.13
CA ARG B 10 36.80 46.59 18.14
C ARG B 10 35.84 45.75 18.96
N GLN B 11 35.40 46.31 20.08
CA GLN B 11 34.48 45.63 20.98
C GLN B 11 33.18 45.36 20.24
N VAL B 12 32.87 46.22 19.28
CA VAL B 12 31.67 46.07 18.48
C VAL B 12 31.91 45.02 17.41
N SER B 13 32.93 45.23 16.58
CA SER B 13 33.29 44.30 15.51
C SER B 13 33.39 42.86 16.02
N GLU B 14 33.65 42.72 17.32
CA GLU B 14 33.75 41.40 17.94
C GLU B 14 32.37 40.89 18.34
N LEU B 15 31.59 41.73 19.03
CA LEU B 15 30.26 41.33 19.43
C LEU B 15 29.44 40.99 18.19
N SER B 16 29.77 41.64 17.08
CA SER B 16 29.09 41.38 15.83
C SER B 16 29.23 39.88 15.48
N THR B 17 30.48 39.41 15.47
CA THR B 17 30.79 38.02 15.16
C THR B 17 30.35 37.09 16.29
N ARG B 18 30.14 37.67 17.46
CA ARG B 18 29.72 36.92 18.62
C ARG B 18 28.21 36.73 18.58
N ILE B 19 27.53 37.67 17.92
CA ILE B 19 26.06 37.61 17.79
C ILE B 19 25.65 36.64 16.70
N ILE B 20 26.31 36.72 15.55
CA ILE B 20 26.04 35.84 14.42
C ILE B 20 25.92 34.39 14.86
N SER B 21 26.60 34.03 15.95
CA SER B 21 26.55 32.67 16.45
C SER B 21 25.32 32.48 17.33
N SER B 22 24.97 33.50 18.07
CA SER B 22 23.81 33.42 18.95
C SER B 22 22.49 33.25 18.21
N VAL B 23 22.42 33.71 16.96
CA VAL B 23 21.19 33.56 16.19
C VAL B 23 21.18 32.17 15.56
N GLN B 24 22.34 31.72 15.10
CA GLN B 24 22.43 30.40 14.50
C GLN B 24 22.15 29.36 15.57
N MET B 25 22.19 29.77 16.83
CA MET B 25 21.91 28.87 17.92
C MET B 25 20.42 28.88 18.16
N LEU B 26 19.87 30.08 18.31
CA LEU B 26 18.45 30.28 18.54
C LEU B 26 17.57 29.65 17.46
N SER B 27 18.02 29.76 16.21
CA SER B 27 17.28 29.19 15.10
C SER B 27 17.34 27.66 15.13
N ASN B 28 18.25 27.13 15.94
CA ASN B 28 18.40 25.69 16.06
C ASN B 28 17.64 25.10 17.24
N ALA B 29 17.22 25.94 18.18
CA ALA B 29 16.49 25.44 19.34
C ALA B 29 15.40 24.47 18.92
N GLN B 30 15.26 23.37 19.66
CA GLN B 30 14.26 22.34 19.36
C GLN B 30 13.07 22.27 20.31
N ASN B 31 12.98 23.21 21.26
CA ASN B 31 11.87 23.26 22.21
C ASN B 31 11.74 24.64 22.85
N GLU B 32 10.76 24.78 23.74
CA GLU B 32 10.50 26.06 24.40
C GLU B 32 11.53 26.45 25.48
N GLN B 33 12.23 25.46 26.03
CA GLN B 33 13.23 25.75 27.05
C GLN B 33 14.46 26.31 26.36
N GLU B 34 14.94 25.59 25.36
CA GLU B 34 16.10 26.00 24.58
C GLU B 34 15.91 27.37 23.93
N ARG B 35 14.67 27.72 23.59
CA ARG B 35 14.42 29.01 22.95
C ARG B 35 14.74 30.12 23.93
N LYS B 36 14.10 30.10 25.10
CA LYS B 36 14.32 31.10 26.12
C LYS B 36 15.82 31.31 26.32
N GLU B 37 16.54 30.22 26.54
CA GLU B 37 17.98 30.31 26.73
C GLU B 37 18.59 31.19 25.64
N ALA B 38 18.63 30.68 24.41
CA ALA B 38 19.20 31.42 23.29
C ALA B 38 18.76 32.89 23.30
N GLY B 39 17.51 33.13 23.68
CA GLY B 39 17.01 34.49 23.72
C GLY B 39 17.84 35.39 24.61
N ARG B 40 18.03 34.98 25.85
CA ARG B 40 18.81 35.73 26.82
C ARG B 40 20.25 35.93 26.34
N VAL B 41 20.90 34.83 25.99
CA VAL B 41 22.29 34.89 25.49
C VAL B 41 22.41 35.94 24.38
N LEU B 42 21.35 36.06 23.59
CA LEU B 42 21.28 37.00 22.49
C LEU B 42 20.89 38.38 23.01
N PHE B 43 19.88 38.42 23.86
CA PHE B 43 19.44 39.69 24.43
C PHE B 43 20.59 40.45 25.08
N GLU B 44 21.36 39.73 25.90
CA GLU B 44 22.49 40.33 26.60
C GLU B 44 23.45 40.91 25.57
N GLN B 45 24.02 40.01 24.78
CA GLN B 45 24.94 40.39 23.73
C GLN B 45 24.49 41.60 22.91
N LEU B 46 23.18 41.70 22.65
CA LEU B 46 22.65 42.81 21.85
C LEU B 46 22.65 44.13 22.61
N GLU B 47 22.25 44.07 23.88
CA GLU B 47 22.20 45.26 24.71
C GLU B 47 23.61 45.85 24.84
N SER B 48 24.60 44.98 25.03
CA SER B 48 25.98 45.44 25.13
C SER B 48 26.28 46.19 23.86
N LEU B 49 26.24 45.50 22.72
CA LEU B 49 26.51 46.12 21.45
C LEU B 49 25.87 47.49 21.36
N LEU B 50 24.64 47.62 21.86
CA LEU B 50 23.96 48.90 21.80
C LEU B 50 24.68 49.99 22.61
N THR B 51 24.99 49.68 23.86
CA THR B 51 25.68 50.63 24.72
C THR B 51 26.97 51.06 24.03
N HIS B 52 27.78 50.07 23.61
CA HIS B 52 29.03 50.36 22.92
C HIS B 52 28.82 51.18 21.64
N ILE B 53 27.64 51.08 21.03
CA ILE B 53 27.39 51.86 19.82
C ILE B 53 27.07 53.29 20.22
N LYS B 54 26.51 53.46 21.41
CA LYS B 54 26.18 54.80 21.89
C LYS B 54 27.46 55.57 22.12
N GLU B 55 28.36 54.98 22.89
CA GLU B 55 29.65 55.61 23.17
C GLU B 55 30.36 55.95 21.87
N LEU B 56 30.65 54.92 21.08
CA LEU B 56 31.33 55.11 19.80
C LEU B 56 30.62 56.14 18.94
N GLY B 57 29.29 56.16 19.03
CA GLY B 57 28.50 57.09 18.25
C GLY B 57 28.50 58.52 18.75
N GLY B 58 28.84 58.70 20.03
CA GLY B 58 28.87 60.02 20.59
C GLY B 58 30.15 60.77 20.29
N GLU B 59 31.20 60.03 19.98
CA GLU B 59 32.51 60.61 19.67
C GLU B 59 32.69 61.15 18.27
N SER B 60 31.68 60.98 17.41
CA SER B 60 31.78 61.49 16.05
C SER B 60 30.60 62.39 15.71
N PHE B 61 30.84 63.68 15.54
CA PHE B 61 29.77 64.60 15.22
C PHE B 61 29.55 64.76 13.72
N ASP B 62 29.49 63.62 13.04
CA ASP B 62 29.24 63.59 11.59
C ASP B 62 27.79 63.14 11.43
N SER B 63 26.95 64.00 10.86
CA SER B 63 25.54 63.67 10.71
C SER B 63 25.22 62.57 9.70
N LYS B 64 25.74 62.67 8.48
CA LYS B 64 25.46 61.65 7.47
C LYS B 64 25.85 60.25 7.96
N LEU B 65 26.92 60.16 8.75
CA LEU B 65 27.35 58.87 9.26
C LEU B 65 26.50 58.39 10.42
N LEU B 66 26.06 59.31 11.27
CA LEU B 66 25.22 58.94 12.40
C LEU B 66 23.87 58.45 11.91
N ASP B 67 23.43 58.98 10.77
CA ASP B 67 22.17 58.58 10.18
C ASP B 67 22.32 57.16 9.66
N ALA B 68 23.49 56.89 9.09
CA ALA B 68 23.79 55.59 8.56
C ALA B 68 23.93 54.60 9.72
N LEU B 69 24.48 55.04 10.84
CA LEU B 69 24.65 54.14 11.97
C LEU B 69 23.34 53.80 12.66
N GLU B 70 22.40 54.73 12.64
CA GLU B 70 21.11 54.50 13.28
C GLU B 70 20.35 53.44 12.50
N SER B 71 20.40 53.53 11.17
CA SER B 71 19.74 52.55 10.30
C SER B 71 20.43 51.21 10.42
N ASN B 72 21.76 51.23 10.43
CA ASN B 72 22.55 50.01 10.57
C ASN B 72 22.15 49.25 11.83
N VAL B 73 22.11 49.96 12.94
CA VAL B 73 21.76 49.34 14.20
C VAL B 73 20.29 48.93 14.22
N GLN B 74 19.43 49.78 13.66
CA GLN B 74 18.00 49.49 13.63
C GLN B 74 17.75 48.23 12.81
N ASN B 75 18.28 48.22 11.60
CA ASN B 75 18.17 47.09 10.68
C ASN B 75 18.59 45.79 11.35
N VAL B 76 19.71 45.82 12.08
CA VAL B 76 20.17 44.63 12.80
C VAL B 76 19.10 44.23 13.81
N ILE B 77 18.57 45.21 14.51
CA ILE B 77 17.53 44.92 15.49
C ILE B 77 16.33 44.28 14.81
N ASN B 78 15.88 44.90 13.73
CA ASN B 78 14.73 44.39 12.99
C ASN B 78 14.91 42.94 12.56
N ASN B 79 16.11 42.64 12.10
CA ASN B 79 16.46 41.31 11.66
C ASN B 79 16.37 40.30 12.81
N LEU B 80 17.02 40.58 13.94
CA LEU B 80 16.98 39.66 15.05
C LEU B 80 15.55 39.49 15.58
N ALA B 81 14.71 40.51 15.39
CA ALA B 81 13.35 40.41 15.87
C ALA B 81 12.59 39.43 15.01
N GLU B 82 12.91 39.44 13.72
CA GLU B 82 12.27 38.53 12.79
C GLU B 82 12.71 37.09 13.05
N LEU B 83 14.01 36.85 13.24
CA LEU B 83 14.46 35.48 13.50
C LEU B 83 13.69 34.98 14.71
N GLY B 84 13.57 35.83 15.71
CA GLY B 84 12.85 35.46 16.91
C GLY B 84 11.48 34.92 16.57
N VAL B 85 10.73 35.68 15.77
CA VAL B 85 9.39 35.25 15.36
C VAL B 85 9.46 33.91 14.63
N THR B 86 10.44 33.81 13.74
CA THR B 86 10.68 32.62 12.96
C THR B 86 10.84 31.37 13.81
N VAL B 87 11.59 31.48 14.90
CA VAL B 87 11.80 30.35 15.78
C VAL B 87 10.52 30.01 16.56
N GLU B 88 9.69 31.01 16.81
CA GLU B 88 8.45 30.75 17.53
C GLU B 88 7.52 29.94 16.64
N ARG B 89 7.56 30.21 15.34
CA ARG B 89 6.74 29.50 14.37
C ARG B 89 7.27 28.10 14.13
N LYS B 90 8.60 27.99 14.07
CA LYS B 90 9.22 26.69 13.87
C LYS B 90 8.65 25.69 14.88
N LEU B 91 8.84 26.00 16.15
CA LEU B 91 8.35 25.16 17.24
C LEU B 91 6.85 25.01 17.20
N TRP B 92 6.15 26.08 16.86
CA TRP B 92 4.70 26.01 16.85
C TRP B 92 4.22 25.01 15.80
N LEU B 93 4.82 25.12 14.61
CA LEU B 93 4.49 24.30 13.46
C LEU B 93 4.82 22.84 13.71
N ALA B 94 6.05 22.59 14.17
CA ALA B 94 6.49 21.23 14.44
C ALA B 94 5.50 20.49 15.32
N LYS B 95 5.02 21.20 16.34
CA LYS B 95 4.07 20.65 17.29
C LYS B 95 2.67 20.51 16.68
N GLU B 96 2.33 21.40 15.74
CA GLU B 96 1.03 21.36 15.11
C GLU B 96 1.00 20.17 14.14
N ILE B 97 2.11 19.98 13.43
CA ILE B 97 2.26 18.91 12.46
C ILE B 97 2.23 17.56 13.15
N ASP B 98 2.98 17.43 14.24
CA ASP B 98 3.01 16.16 14.95
C ASP B 98 1.61 15.82 15.46
N THR B 99 0.89 16.86 15.89
CA THR B 99 -0.45 16.67 16.42
C THR B 99 -1.45 16.26 15.34
N ARG B 100 -1.56 17.09 14.33
CA ARG B 100 -2.48 16.85 13.25
C ARG B 100 -2.18 15.51 12.57
N VAL B 101 -0.90 15.21 12.40
CA VAL B 101 -0.54 13.97 11.73
C VAL B 101 -0.89 12.70 12.53
N GLU B 102 -0.84 12.79 13.86
CA GLU B 102 -1.17 11.62 14.65
C GLU B 102 -2.67 11.35 14.57
N GLU B 103 -3.45 12.43 14.56
CA GLU B 103 -4.89 12.32 14.48
C GLU B 103 -5.29 11.66 13.17
N MET B 104 -4.57 11.93 12.09
CA MET B 104 -4.88 11.33 10.81
C MET B 104 -4.46 9.87 10.77
N ARG B 105 -3.36 9.56 11.45
CA ARG B 105 -2.85 8.21 11.47
C ARG B 105 -3.78 7.25 12.21
N LEU B 106 -4.44 7.74 13.26
CA LEU B 106 -5.36 6.88 13.98
C LEU B 106 -6.59 6.64 13.11
N LEU B 107 -7.09 7.70 12.52
CA LEU B 107 -8.25 7.63 11.65
C LEU B 107 -7.96 6.72 10.45
N SER B 108 -6.83 6.94 9.79
CA SER B 108 -6.45 6.18 8.63
C SER B 108 -6.22 4.71 8.97
N GLU B 109 -5.73 4.49 10.18
CA GLU B 109 -5.46 3.15 10.65
C GLU B 109 -6.78 2.42 10.82
N GLU B 110 -7.74 3.08 11.44
CA GLU B 110 -9.03 2.45 11.64
C GLU B 110 -9.62 2.05 10.29
N LEU B 111 -9.62 2.99 9.36
CA LEU B 111 -10.15 2.76 8.03
C LEU B 111 -9.47 1.57 7.36
N GLU B 112 -8.18 1.42 7.60
CA GLU B 112 -7.46 0.32 6.99
C GLU B 112 -7.97 -0.99 7.56
N GLN B 113 -7.99 -1.09 8.89
CA GLN B 113 -8.48 -2.26 9.61
C GLN B 113 -9.95 -2.55 9.28
N LEU B 114 -10.74 -1.50 9.14
CA LEU B 114 -12.13 -1.68 8.80
C LEU B 114 -12.27 -2.34 7.44
N THR B 115 -11.58 -1.83 6.43
CA THR B 115 -11.69 -2.43 5.13
C THR B 115 -11.02 -3.79 5.09
N ARG B 116 -10.04 -4.00 5.97
CA ARG B 116 -9.35 -5.29 6.01
C ARG B 116 -10.35 -6.34 6.49
N THR B 117 -11.15 -5.95 7.47
CA THR B 117 -12.17 -6.79 8.04
C THR B 117 -13.16 -7.26 6.97
N GLN B 118 -13.62 -6.32 6.14
CA GLN B 118 -14.57 -6.67 5.09
C GLN B 118 -13.92 -7.63 4.10
N VAL B 119 -12.60 -7.53 3.95
CA VAL B 119 -11.89 -8.43 3.04
C VAL B 119 -11.88 -9.84 3.60
N GLN B 120 -11.72 -9.91 4.92
CA GLN B 120 -11.69 -11.21 5.56
C GLN B 120 -13.07 -11.84 5.65
N ASN B 121 -14.09 -11.02 5.91
CA ASN B 121 -15.45 -11.50 6.00
C ASN B 121 -15.83 -12.08 4.65
N THR B 122 -15.93 -11.22 3.64
CA THR B 122 -16.28 -11.63 2.29
C THR B 122 -15.59 -12.94 1.95
N SER B 123 -14.36 -13.05 2.41
CA SER B 123 -13.55 -14.23 2.18
C SER B 123 -14.20 -15.44 2.87
N THR B 124 -14.46 -15.29 4.16
CA THR B 124 -15.09 -16.35 4.95
C THR B 124 -16.41 -16.71 4.31
N ILE B 125 -17.29 -15.72 4.24
CA ILE B 125 -18.62 -15.90 3.67
C ILE B 125 -18.57 -16.68 2.37
N ALA B 126 -17.56 -16.44 1.57
CA ALA B 126 -17.42 -17.14 0.32
C ALA B 126 -17.20 -18.63 0.58
N VAL B 127 -16.37 -18.97 1.56
CA VAL B 127 -16.13 -20.38 1.84
C VAL B 127 -17.42 -21.03 2.33
N ALA B 128 -18.17 -20.29 3.14
CA ALA B 128 -19.43 -20.79 3.68
C ALA B 128 -20.44 -21.02 2.56
N ASN B 129 -20.37 -20.18 1.53
CA ASN B 129 -21.28 -20.30 0.42
C ASN B 129 -20.94 -21.48 -0.47
N VAL B 130 -19.68 -21.88 -0.49
CA VAL B 130 -19.31 -23.01 -1.33
C VAL B 130 -19.62 -24.28 -0.57
N THR B 131 -19.56 -24.19 0.76
CA THR B 131 -19.86 -25.34 1.61
C THR B 131 -21.33 -25.66 1.46
N HIS B 132 -22.13 -24.64 1.17
CA HIS B 132 -23.55 -24.81 1.00
C HIS B 132 -23.76 -25.69 -0.22
N ILE B 133 -23.18 -25.30 -1.35
CA ILE B 133 -23.33 -26.07 -2.56
C ILE B 133 -23.08 -27.55 -2.32
N TYR B 134 -22.26 -27.86 -1.32
CA TYR B 134 -21.95 -29.25 -0.99
C TYR B 134 -23.21 -30.03 -0.60
N ASP B 135 -24.07 -29.40 0.20
CA ASP B 135 -25.30 -30.05 0.63
C ASP B 135 -26.27 -30.10 -0.53
N LEU B 136 -26.24 -29.08 -1.37
CA LEU B 136 -27.13 -29.05 -2.51
C LEU B 136 -26.75 -30.17 -3.47
N LEU B 137 -25.45 -30.33 -3.71
CA LEU B 137 -24.98 -31.36 -4.62
C LEU B 137 -25.27 -32.77 -4.09
N GLU B 138 -25.27 -32.94 -2.77
CA GLU B 138 -25.55 -34.25 -2.18
C GLU B 138 -27.01 -34.61 -2.44
N ALA B 139 -27.92 -33.71 -2.09
CA ALA B 139 -29.34 -33.94 -2.31
C ALA B 139 -29.65 -33.77 -3.80
N ASN B 140 -28.59 -33.76 -4.60
CA ASN B 140 -28.70 -33.64 -6.03
C ASN B 140 -29.67 -32.59 -6.57
N LYS B 141 -29.85 -31.49 -5.81
CA LYS B 141 -30.74 -30.41 -6.24
C LYS B 141 -30.07 -29.59 -7.34
N LYS B 142 -29.77 -30.25 -8.46
CA LYS B 142 -29.10 -29.65 -9.61
C LYS B 142 -29.44 -28.20 -9.94
N ASP B 143 -30.71 -27.87 -10.10
CA ASP B 143 -31.11 -26.51 -10.42
C ASP B 143 -30.56 -25.49 -9.42
N GLN B 144 -30.50 -25.89 -8.15
CA GLN B 144 -30.00 -24.98 -7.11
C GLN B 144 -28.48 -24.83 -7.21
N VAL B 145 -27.78 -25.96 -7.30
CA VAL B 145 -26.33 -25.94 -7.41
C VAL B 145 -25.87 -24.90 -8.44
N TYR B 146 -26.55 -24.87 -9.58
CA TYR B 146 -26.21 -23.91 -10.62
C TYR B 146 -26.44 -22.50 -10.11
N GLN B 147 -27.52 -22.31 -9.36
CA GLN B 147 -27.91 -21.01 -8.82
C GLN B 147 -26.88 -20.43 -7.86
N ALA B 148 -26.25 -21.32 -7.09
CA ALA B 148 -25.25 -20.92 -6.12
C ALA B 148 -23.94 -20.62 -6.82
N LEU B 149 -23.60 -21.43 -7.82
CA LEU B 149 -22.37 -21.23 -8.56
C LEU B 149 -22.45 -19.85 -9.16
N ASP B 150 -23.61 -19.55 -9.73
CA ASP B 150 -23.81 -18.24 -10.31
C ASP B 150 -23.57 -17.14 -9.28
N ALA B 151 -24.10 -17.32 -8.08
CA ALA B 151 -23.94 -16.31 -7.03
C ALA B 151 -22.60 -16.42 -6.29
N LEU B 152 -21.67 -17.15 -6.88
CA LEU B 152 -20.36 -17.33 -6.27
C LEU B 152 -19.43 -16.45 -7.09
N VAL B 153 -19.78 -16.29 -8.36
CA VAL B 153 -19.03 -15.50 -9.31
C VAL B 153 -19.55 -14.06 -9.34
N GLU B 154 -20.85 -13.91 -9.54
CA GLU B 154 -21.49 -12.61 -9.61
C GLU B 154 -21.52 -11.87 -8.28
N VAL B 155 -21.35 -12.62 -7.19
CA VAL B 155 -21.36 -12.00 -5.88
C VAL B 155 -20.02 -12.13 -5.15
N ASP B 156 -19.64 -13.34 -4.76
CA ASP B 156 -18.40 -13.51 -4.02
C ASP B 156 -17.09 -13.15 -4.71
N LEU B 157 -16.86 -13.66 -5.91
CA LEU B 157 -15.64 -13.33 -6.63
C LEU B 157 -15.61 -11.83 -6.91
N ASP B 158 -16.69 -11.34 -7.52
CA ASP B 158 -16.76 -9.92 -7.84
C ASP B 158 -16.40 -9.04 -6.64
N LEU B 159 -17.07 -9.27 -5.52
CA LEU B 159 -16.87 -8.52 -4.29
C LEU B 159 -15.42 -8.60 -3.82
N THR B 160 -14.91 -9.82 -3.72
CA THR B 160 -13.54 -10.00 -3.29
C THR B 160 -12.65 -8.95 -3.97
N GLU B 161 -12.54 -9.00 -5.29
CA GLU B 161 -11.73 -8.03 -6.03
C GLU B 161 -12.11 -6.59 -5.65
N ARG B 162 -13.41 -6.35 -5.56
CA ARG B 162 -13.99 -5.05 -5.25
C ARG B 162 -13.44 -4.47 -3.96
N LEU B 163 -13.45 -5.28 -2.91
CA LEU B 163 -12.97 -4.84 -1.61
C LEU B 163 -11.46 -4.88 -1.49
N HIS B 164 -10.82 -5.79 -2.22
CA HIS B 164 -9.37 -5.88 -2.19
C HIS B 164 -8.81 -4.51 -2.57
N GLU B 165 -9.39 -3.92 -3.61
CA GLU B 165 -8.96 -2.61 -4.07
C GLU B 165 -9.23 -1.52 -3.05
N LEU B 166 -10.41 -1.58 -2.44
CA LEU B 166 -10.81 -0.61 -1.45
C LEU B 166 -9.77 -0.63 -0.34
N HIS B 167 -9.37 -1.84 0.05
CA HIS B 167 -8.36 -2.04 1.09
C HIS B 167 -7.04 -1.45 0.61
N LEU B 168 -6.71 -1.73 -0.64
CA LEU B 168 -5.49 -1.22 -1.22
C LEU B 168 -5.46 0.30 -1.12
N LEU B 169 -6.54 0.97 -1.48
CA LEU B 169 -6.60 2.42 -1.43
C LEU B 169 -6.50 2.96 -0.01
N ALA B 170 -7.18 2.30 0.92
CA ALA B 170 -7.16 2.72 2.30
C ALA B 170 -5.74 2.56 2.81
N PHE B 171 -5.06 1.53 2.32
CA PHE B 171 -3.71 1.23 2.74
C PHE B 171 -2.71 2.25 2.20
N LYS B 172 -2.90 2.57 0.93
CA LYS B 172 -2.09 3.53 0.21
C LYS B 172 -2.13 4.88 0.94
N MET B 173 -3.28 5.17 1.55
CA MET B 173 -3.52 6.42 2.28
C MET B 173 -2.81 6.42 3.65
N LEU B 174 -2.84 5.28 4.32
CA LEU B 174 -2.18 5.17 5.60
C LEU B 174 -0.69 5.42 5.35
N ASN B 175 -0.16 4.79 4.33
CA ASN B 175 1.25 4.93 4.00
C ASN B 175 1.65 6.40 3.77
N GLN B 176 0.80 7.14 3.07
CA GLN B 176 1.06 8.55 2.81
C GLN B 176 1.11 9.32 4.11
N ILE B 177 0.19 9.01 5.00
CA ILE B 177 0.13 9.69 6.28
C ILE B 177 1.36 9.38 7.13
N GLU B 178 1.79 8.12 7.10
CA GLU B 178 2.96 7.70 7.85
C GLU B 178 4.17 8.48 7.35
N GLU B 179 4.14 8.92 6.08
CA GLU B 179 5.26 9.67 5.53
C GLU B 179 5.16 11.18 5.83
N ALA B 180 3.92 11.67 5.86
CA ALA B 180 3.66 13.08 6.11
C ALA B 180 4.50 13.72 7.21
N ARG B 181 4.40 13.19 8.44
CA ARG B 181 5.11 13.74 9.59
C ARG B 181 6.47 14.35 9.34
N THR B 182 7.34 13.64 8.66
CA THR B 182 8.68 14.15 8.40
C THR B 182 8.95 14.78 7.02
N LEU B 183 7.91 15.11 6.27
CA LEU B 183 8.12 15.71 4.94
C LEU B 183 8.73 17.11 4.98
N THR B 184 9.84 17.29 4.28
CA THR B 184 10.46 18.59 4.28
C THR B 184 10.79 19.06 2.89
N ASN B 185 10.57 18.20 1.90
CA ASN B 185 10.85 18.55 0.53
C ASN B 185 9.60 19.12 -0.14
N VAL B 186 9.63 20.42 -0.40
CA VAL B 186 8.50 21.12 -1.00
C VAL B 186 7.89 20.37 -2.18
N ASP B 187 8.70 19.68 -2.96
CA ASP B 187 8.14 18.96 -4.10
C ASP B 187 7.35 17.76 -3.62
N ARG B 188 8.03 16.90 -2.87
CA ARG B 188 7.42 15.70 -2.36
C ARG B 188 6.13 16.00 -1.61
N ILE B 189 6.14 17.09 -0.85
CA ILE B 189 4.96 17.47 -0.10
C ILE B 189 3.77 17.70 -1.03
N GLN B 190 3.98 18.44 -2.10
CA GLN B 190 2.89 18.69 -3.04
C GLN B 190 2.48 17.43 -3.79
N GLN B 191 3.45 16.59 -4.08
CA GLN B 191 3.15 15.36 -4.76
C GLN B 191 2.21 14.56 -3.83
N ILE B 192 2.62 14.38 -2.57
CA ILE B 192 1.80 13.63 -1.63
C ILE B 192 0.45 14.31 -1.43
N GLN B 193 0.45 15.63 -1.37
CA GLN B 193 -0.78 16.37 -1.19
C GLN B 193 -1.79 16.10 -2.33
N THR B 194 -1.33 16.05 -3.57
CA THR B 194 -2.25 15.80 -4.68
C THR B 194 -2.73 14.36 -4.69
N ALA B 195 -1.82 13.45 -4.42
CA ALA B 195 -2.14 12.03 -4.40
C ALA B 195 -3.12 11.73 -3.26
N PHE B 196 -3.05 12.50 -2.20
CA PHE B 196 -3.93 12.25 -1.08
C PHE B 196 -5.36 12.66 -1.44
N GLU B 197 -5.49 13.83 -2.03
CA GLU B 197 -6.80 14.30 -2.39
C GLU B 197 -7.42 13.39 -3.47
N ASN B 198 -6.64 12.94 -4.45
CA ASN B 198 -7.20 12.08 -5.49
C ASN B 198 -7.70 10.74 -4.93
N ASN B 199 -6.94 10.18 -4.01
CA ASN B 199 -7.27 8.91 -3.42
C ASN B 199 -8.43 9.03 -2.47
N LEU B 200 -8.62 10.23 -1.94
CA LEU B 200 -9.72 10.47 -1.04
C LEU B 200 -11.03 10.65 -1.81
N LYS B 201 -10.93 11.20 -3.02
CA LYS B 201 -12.11 11.41 -3.86
C LYS B 201 -12.56 10.04 -4.37
N ILE B 202 -11.60 9.26 -4.84
CA ILE B 202 -11.93 7.94 -5.36
C ILE B 202 -12.61 7.07 -4.29
N MET B 203 -12.02 7.02 -3.08
CA MET B 203 -12.58 6.21 -2.02
C MET B 203 -13.94 6.71 -1.61
N LYS B 204 -14.07 8.01 -1.41
CA LYS B 204 -15.36 8.56 -1.04
C LYS B 204 -16.35 8.00 -2.04
N ARG B 205 -15.94 7.96 -3.30
CA ARG B 205 -16.81 7.44 -4.36
C ARG B 205 -17.07 5.95 -4.24
N ARG B 206 -16.02 5.14 -4.31
CA ARG B 206 -16.13 3.69 -4.21
C ARG B 206 -16.93 3.18 -3.01
N VAL B 207 -16.58 3.67 -1.83
CA VAL B 207 -17.24 3.23 -0.61
C VAL B 207 -18.76 3.44 -0.65
N LEU B 208 -19.16 4.61 -1.13
CA LEU B 208 -20.56 4.99 -1.22
C LEU B 208 -21.41 3.95 -1.92
N ALA B 209 -20.86 3.37 -2.98
CA ALA B 209 -21.57 2.36 -3.76
C ALA B 209 -21.52 0.97 -3.17
N VAL B 210 -20.85 0.79 -2.03
CA VAL B 210 -20.78 -0.53 -1.39
C VAL B 210 -22.07 -0.86 -0.62
N GLU B 211 -22.50 -2.12 -0.76
CA GLU B 211 -23.72 -2.63 -0.14
C GLU B 211 -23.78 -2.57 1.40
N ASP B 212 -22.75 -3.03 2.08
CA ASP B 212 -22.73 -3.03 3.55
C ASP B 212 -23.27 -1.69 4.08
N PRO B 213 -24.50 -1.69 4.63
CA PRO B 213 -25.17 -0.52 5.18
C PRO B 213 -24.40 0.25 6.24
N THR B 214 -24.29 -0.37 7.41
CA THR B 214 -23.63 0.22 8.55
C THR B 214 -22.17 0.57 8.28
N ARG B 215 -21.48 -0.29 7.54
CA ARG B 215 -20.07 -0.06 7.24
C ARG B 215 -19.79 1.00 6.19
N SER B 216 -20.75 1.21 5.30
CA SER B 216 -20.62 2.23 4.26
C SER B 216 -20.61 3.59 4.94
N LYS B 217 -21.43 3.74 5.97
CA LYS B 217 -21.49 4.98 6.72
C LYS B 217 -20.19 5.19 7.52
N GLN B 218 -19.76 4.18 8.28
CA GLN B 218 -18.53 4.30 9.06
C GLN B 218 -17.35 4.72 8.17
N MET B 219 -17.19 4.04 7.05
CA MET B 219 -16.12 4.35 6.12
C MET B 219 -16.26 5.79 5.64
N SER B 220 -17.48 6.17 5.30
CA SER B 220 -17.74 7.54 4.86
C SER B 220 -17.41 8.53 5.97
N GLN B 221 -17.70 8.17 7.21
CA GLN B 221 -17.44 9.07 8.31
C GLN B 221 -15.94 9.27 8.50
N LEU B 222 -15.16 8.20 8.33
CA LEU B 222 -13.73 8.29 8.49
C LEU B 222 -13.14 9.14 7.37
N LEU B 223 -13.62 8.95 6.15
CA LEU B 223 -13.09 9.73 5.02
C LEU B 223 -13.38 11.24 5.12
N THR B 224 -14.49 11.58 5.76
CA THR B 224 -14.88 12.96 5.93
C THR B 224 -13.98 13.60 6.96
N GLU B 225 -13.69 12.86 8.03
CA GLU B 225 -12.82 13.34 9.09
C GLU B 225 -11.42 13.50 8.52
N LEU B 226 -11.01 12.57 7.67
CA LEU B 226 -9.70 12.67 7.08
C LEU B 226 -9.62 13.84 6.10
N GLY B 227 -10.69 14.06 5.32
CA GLY B 227 -10.66 15.16 4.37
C GLY B 227 -10.51 16.53 5.02
N LYS B 228 -11.11 16.65 6.21
CA LYS B 228 -11.10 17.89 6.97
C LYS B 228 -9.75 18.18 7.58
N ARG B 229 -8.84 17.21 7.52
CA ARG B 229 -7.51 17.39 8.10
C ARG B 229 -6.40 17.57 7.07
N GLN B 230 -6.80 17.73 5.83
CA GLN B 230 -5.85 17.93 4.74
C GLN B 230 -4.96 19.15 4.87
N VAL B 231 -5.40 20.12 5.66
CA VAL B 231 -4.64 21.35 5.87
C VAL B 231 -3.20 21.06 6.21
N VAL B 232 -2.98 19.96 6.94
CA VAL B 232 -1.64 19.59 7.35
C VAL B 232 -0.62 19.69 6.23
N PHE B 233 -1.06 19.53 4.98
CA PHE B 233 -0.08 19.62 3.90
C PHE B 233 0.24 21.09 3.68
N THR B 234 -0.73 21.95 3.87
CA THR B 234 -0.49 23.36 3.70
C THR B 234 0.45 23.70 4.83
N ILE B 235 0.14 23.18 6.02
CA ILE B 235 0.93 23.43 7.20
C ILE B 235 2.34 22.89 7.03
N LEU B 236 2.48 21.78 6.31
CA LEU B 236 3.80 21.25 6.08
C LEU B 236 4.58 22.19 5.17
N LEU B 237 3.88 22.78 4.22
CA LEU B 237 4.50 23.73 3.31
C LEU B 237 4.87 25.02 4.03
N GLN B 238 4.12 25.36 5.08
CA GLN B 238 4.39 26.57 5.85
C GLN B 238 5.68 26.37 6.62
N GLN B 239 5.93 25.13 7.02
CA GLN B 239 7.16 24.82 7.73
C GLN B 239 8.31 24.94 6.71
N TYR B 240 8.07 24.53 5.48
CA TYR B 240 9.11 24.64 4.45
C TYR B 240 9.51 26.10 4.35
N GLU B 241 8.48 26.92 4.22
CA GLU B 241 8.59 28.35 4.08
C GLU B 241 9.28 28.96 5.29
N ASN B 242 8.78 28.65 6.48
CA ASN B 242 9.40 29.21 7.66
C ASN B 242 10.88 28.90 7.71
N ASN B 243 11.26 27.70 7.29
CA ASN B 243 12.66 27.36 7.31
C ASN B 243 13.46 28.17 6.30
N GLU B 244 12.92 28.32 5.10
CA GLU B 244 13.62 29.09 4.08
C GLU B 244 13.82 30.53 4.57
N GLN B 245 12.81 31.08 5.23
CA GLN B 245 12.92 32.43 5.76
C GLN B 245 14.03 32.51 6.80
N SER B 246 13.99 31.61 7.76
CA SER B 246 15.01 31.61 8.78
C SER B 246 16.41 31.58 8.17
N GLN B 247 16.63 30.70 7.22
CA GLN B 247 17.93 30.59 6.60
C GLN B 247 18.25 31.90 5.86
N GLN B 248 17.24 32.52 5.28
CA GLN B 248 17.45 33.76 4.55
C GLN B 248 17.67 34.94 5.48
N LEU B 249 17.05 34.90 6.64
CA LEU B 249 17.22 35.98 7.59
C LEU B 249 18.64 35.95 8.07
N MET B 250 19.09 34.77 8.49
CA MET B 250 20.45 34.60 8.97
C MET B 250 21.50 35.00 7.94
N GLN B 251 21.17 34.93 6.66
CA GLN B 251 22.14 35.35 5.67
C GLN B 251 22.14 36.89 5.64
N LYS B 252 21.00 37.49 5.97
CA LYS B 252 20.90 38.95 6.01
C LYS B 252 21.68 39.44 7.22
N THR B 253 21.62 38.67 8.30
CA THR B 253 22.30 39.02 9.53
C THR B 253 23.76 39.33 9.20
N LEU B 254 24.42 38.44 8.47
CA LEU B 254 25.81 38.70 8.14
C LEU B 254 25.89 40.03 7.46
N GLU B 255 25.29 40.13 6.29
CA GLU B 255 25.30 41.37 5.53
C GLU B 255 25.11 42.61 6.41
N LEU B 256 24.12 42.57 7.31
CA LEU B 256 23.82 43.68 8.18
C LEU B 256 24.94 44.04 9.15
N PHE B 257 25.43 43.04 9.87
CA PHE B 257 26.53 43.27 10.81
C PHE B 257 27.78 43.63 10.06
N SER B 258 27.72 43.45 8.75
CA SER B 258 28.83 43.76 7.87
C SER B 258 28.77 45.25 7.56
N GLU B 259 27.55 45.75 7.46
CA GLU B 259 27.33 47.16 7.15
C GLU B 259 27.58 47.98 8.41
N LEU B 260 27.21 47.41 9.55
CA LEU B 260 27.40 48.07 10.83
C LEU B 260 28.87 48.32 11.11
N ASN B 261 29.69 47.29 10.95
CA ASN B 261 31.11 47.45 11.18
C ASN B 261 31.71 48.39 10.15
N SER B 262 31.23 48.33 8.92
CA SER B 262 31.76 49.21 7.89
C SER B 262 31.54 50.68 8.24
N THR B 263 30.43 50.97 8.92
CA THR B 263 30.12 52.33 9.31
C THR B 263 30.91 52.73 10.54
N VAL B 264 30.88 51.91 11.59
CA VAL B 264 31.63 52.24 12.79
C VAL B 264 33.09 52.52 12.46
N ASN B 265 33.64 51.76 11.50
CA ASN B 265 35.03 51.96 11.09
C ASN B 265 35.20 53.32 10.42
N LYS B 266 34.19 53.74 9.67
CA LYS B 266 34.26 55.04 9.02
C LYS B 266 34.12 56.14 10.06
N LEU B 267 33.50 55.81 11.19
CA LEU B 267 33.34 56.79 12.26
C LEU B 267 34.67 56.92 12.97
N VAL B 268 35.36 55.79 13.14
CA VAL B 268 36.65 55.77 13.78
C VAL B 268 37.63 56.64 12.97
N ASP B 269 37.67 56.42 11.67
CA ASP B 269 38.56 57.18 10.80
C ASP B 269 38.27 58.67 10.90
N ASP B 270 37.00 59.02 11.05
CA ASP B 270 36.59 60.43 11.15
C ASP B 270 37.12 61.05 12.45
N SER B 271 36.81 60.41 13.58
CA SER B 271 37.25 60.92 14.87
C SER B 271 38.77 60.98 14.99
N ASN B 272 39.43 59.84 14.83
CA ASN B 272 40.88 59.79 14.91
C ASN B 272 41.50 59.89 13.53
N ASP C 5 -38.85 -2.66 22.70
CA ASP C 5 -37.83 -2.08 21.78
C ASP C 5 -36.68 -1.49 22.60
N GLU C 6 -36.31 -2.20 23.66
CA GLU C 6 -35.22 -1.75 24.52
C GLU C 6 -33.91 -1.66 23.73
N LYS C 7 -33.04 -0.75 24.15
CA LYS C 7 -31.74 -0.54 23.50
C LYS C 7 -30.63 -1.39 24.10
N ILE C 8 -30.15 -2.36 23.31
CA ILE C 8 -29.07 -3.24 23.73
C ILE C 8 -27.88 -2.99 22.80
N CYS C 9 -26.71 -2.69 23.39
CA CYS C 9 -25.51 -2.38 22.63
C CYS C 9 -24.42 -3.43 22.81
N ALA C 10 -24.09 -4.15 21.74
CA ALA C 10 -23.07 -5.18 21.80
C ALA C 10 -21.70 -4.71 21.29
N ILE C 11 -20.66 -4.95 22.08
CA ILE C 11 -19.30 -4.53 21.72
C ILE C 11 -18.34 -5.71 21.68
N TYR C 12 -17.93 -6.10 20.47
CA TYR C 12 -16.98 -7.21 20.27
C TYR C 12 -15.54 -6.68 20.23
N PRO C 13 -14.55 -7.57 20.37
CA PRO C 13 -13.15 -7.16 20.34
C PRO C 13 -12.74 -6.97 18.88
N HIS C 14 -13.45 -7.66 17.99
CA HIS C 14 -13.21 -7.55 16.55
C HIS C 14 -14.30 -8.34 15.81
N LEU C 15 -14.16 -8.46 14.50
CA LEU C 15 -15.12 -9.21 13.72
C LEU C 15 -14.49 -9.72 12.43
N LYS C 16 -13.27 -10.24 12.55
CA LYS C 16 -12.54 -10.77 11.40
C LYS C 16 -12.78 -12.28 11.31
N ASP C 17 -12.91 -12.88 12.48
CA ASP C 17 -13.14 -14.30 12.71
C ASP C 17 -14.40 -14.92 12.10
N SER C 18 -14.39 -16.23 11.99
CA SER C 18 -15.56 -16.99 11.54
C SER C 18 -16.33 -17.08 12.87
N TYR C 19 -15.54 -17.31 13.92
CA TYR C 19 -16.02 -17.41 15.28
C TYR C 19 -16.89 -16.20 15.65
N TRP C 20 -16.40 -14.99 15.42
CA TRP C 20 -17.20 -13.83 15.79
C TRP C 20 -18.29 -13.47 14.79
N LEU C 21 -18.10 -13.80 13.52
CA LEU C 21 -19.15 -13.52 12.55
C LEU C 21 -20.33 -14.35 13.03
N SER C 22 -20.02 -15.53 13.57
CA SER C 22 -21.03 -16.43 14.08
C SER C 22 -21.69 -15.89 15.34
N VAL C 23 -20.90 -15.44 16.31
CA VAL C 23 -21.48 -14.88 17.51
C VAL C 23 -22.47 -13.81 17.07
N ASN C 24 -22.10 -13.08 16.03
CA ASN C 24 -22.90 -11.99 15.50
C ASN C 24 -24.26 -12.44 14.97
N TYR C 25 -24.25 -13.47 14.14
CA TYR C 25 -25.49 -14.00 13.61
C TYR C 25 -26.40 -14.29 14.78
N GLY C 26 -25.87 -15.01 15.77
CA GLY C 26 -26.65 -15.33 16.95
C GLY C 26 -27.32 -14.12 17.58
N MET C 27 -26.57 -13.05 17.84
CA MET C 27 -27.13 -11.85 18.44
C MET C 27 -28.19 -11.20 17.58
N VAL C 28 -27.88 -11.06 16.30
CA VAL C 28 -28.81 -10.43 15.36
C VAL C 28 -30.08 -11.26 15.32
N SER C 29 -29.92 -12.56 15.17
CA SER C 29 -31.05 -13.45 15.13
C SER C 29 -31.88 -13.30 16.41
N GLU C 30 -31.23 -13.51 17.54
CA GLU C 30 -31.89 -13.40 18.83
C GLU C 30 -32.58 -12.05 18.98
N ALA C 31 -31.88 -10.97 18.69
CA ALA C 31 -32.46 -9.64 18.81
C ALA C 31 -33.78 -9.55 18.05
N GLU C 32 -33.81 -10.15 16.87
CA GLU C 32 -35.01 -10.10 16.04
C GLU C 32 -36.17 -10.77 16.77
N LYS C 33 -35.88 -11.86 17.50
CA LYS C 33 -36.93 -12.57 18.22
C LYS C 33 -37.37 -11.81 19.46
N GLN C 34 -36.40 -11.38 20.26
CA GLN C 34 -36.70 -10.65 21.48
C GLN C 34 -37.39 -9.30 21.23
N GLY C 35 -37.32 -8.80 20.00
CA GLY C 35 -37.93 -7.52 19.70
C GLY C 35 -37.20 -6.35 20.35
N VAL C 36 -35.87 -6.43 20.40
CA VAL C 36 -35.08 -5.37 20.99
C VAL C 36 -34.26 -4.68 19.90
N ASN C 37 -33.94 -3.40 20.12
CA ASN C 37 -33.16 -2.59 19.18
C ASN C 37 -31.67 -2.79 19.44
N LEU C 38 -31.06 -3.71 18.70
CA LEU C 38 -29.65 -4.03 18.86
C LEU C 38 -28.73 -3.12 18.08
N ARG C 39 -27.54 -2.93 18.61
CA ARG C 39 -26.53 -2.11 17.96
C ARG C 39 -25.21 -2.80 18.25
N VAL C 40 -24.45 -3.06 17.20
CA VAL C 40 -23.16 -3.72 17.32
C VAL C 40 -21.96 -2.84 16.94
N LEU C 41 -20.96 -2.82 17.81
CA LEU C 41 -19.73 -2.08 17.59
C LEU C 41 -18.61 -3.11 17.71
N GLU C 42 -17.45 -2.83 17.10
CA GLU C 42 -16.34 -3.76 17.10
C GLU C 42 -14.96 -3.08 17.14
N ALA C 43 -14.29 -3.24 18.27
CA ALA C 43 -12.97 -2.65 18.52
C ALA C 43 -11.97 -2.74 17.37
N GLY C 44 -12.24 -3.64 16.42
CA GLY C 44 -11.34 -3.76 15.29
C GLY C 44 -10.08 -4.58 15.48
N GLY C 45 -9.88 -5.16 16.66
CA GLY C 45 -8.69 -5.97 16.90
C GLY C 45 -8.39 -6.03 18.38
N TYR C 46 -8.02 -7.21 18.89
CA TYR C 46 -7.71 -7.37 20.32
C TYR C 46 -6.81 -6.31 20.92
N PRO C 47 -5.81 -5.83 20.16
CA PRO C 47 -4.93 -4.79 20.70
C PRO C 47 -5.62 -3.47 21.02
N ASN C 48 -6.56 -3.07 20.16
CA ASN C 48 -7.30 -1.81 20.29
C ASN C 48 -8.06 -1.62 21.61
N LYS C 49 -7.36 -1.82 22.71
CA LYS C 49 -7.97 -1.66 24.02
C LYS C 49 -8.58 -0.28 24.16
N SER C 50 -7.83 0.73 23.73
CA SER C 50 -8.29 2.11 23.80
C SER C 50 -9.58 2.36 23.00
N ARG C 51 -9.67 1.79 21.80
CA ARG C 51 -10.85 1.97 20.95
C ARG C 51 -12.10 1.32 21.57
N GLN C 52 -11.95 0.17 22.24
CA GLN C 52 -13.09 -0.48 22.86
C GLN C 52 -13.68 0.43 23.92
N GLU C 53 -12.79 1.13 24.63
CA GLU C 53 -13.20 2.08 25.68
C GLU C 53 -14.12 3.14 25.09
N GLN C 54 -13.65 3.79 24.03
CA GLN C 54 -14.44 4.83 23.40
C GLN C 54 -15.79 4.28 22.94
N GLN C 55 -15.80 3.01 22.55
CA GLN C 55 -17.04 2.40 22.10
C GLN C 55 -17.99 2.17 23.27
N LEU C 56 -17.44 1.73 24.40
CA LEU C 56 -18.28 1.54 25.58
C LEU C 56 -18.98 2.88 25.83
N ALA C 57 -18.20 3.96 25.74
CA ALA C 57 -18.73 5.30 25.96
C ALA C 57 -19.78 5.60 24.90
N LEU C 58 -19.47 5.25 23.65
CA LEU C 58 -20.36 5.46 22.55
C LEU C 58 -21.71 4.76 22.78
N CYS C 59 -21.67 3.58 23.42
CA CYS C 59 -22.90 2.80 23.75
C CYS C 59 -23.76 3.64 24.70
N THR C 60 -23.14 4.07 25.79
CA THR C 60 -23.78 4.89 26.80
C THR C 60 -24.40 6.16 26.21
N GLN C 61 -23.65 6.87 25.36
CA GLN C 61 -24.14 8.11 24.72
C GLN C 61 -25.36 7.85 23.83
N TRP C 62 -25.51 6.60 23.41
CA TRP C 62 -26.62 6.19 22.56
C TRP C 62 -27.84 5.95 23.43
N GLY C 63 -27.56 5.72 24.71
CA GLY C 63 -28.62 5.47 25.67
C GLY C 63 -28.93 3.99 25.72
N ALA C 64 -27.88 3.18 25.82
CA ALA C 64 -28.06 1.74 25.87
C ALA C 64 -28.66 1.34 27.22
N ASN C 65 -29.77 0.61 27.19
CA ASN C 65 -30.40 0.17 28.43
C ASN C 65 -29.60 -0.96 29.01
N ALA C 66 -28.84 -1.64 28.15
CA ALA C 66 -27.99 -2.76 28.57
C ALA C 66 -26.87 -2.88 27.57
N ILE C 67 -25.72 -3.36 28.04
CA ILE C 67 -24.54 -3.51 27.20
C ILE C 67 -23.96 -4.94 27.24
N ILE C 68 -23.88 -5.60 26.09
CA ILE C 68 -23.31 -6.95 26.01
C ILE C 68 -21.85 -6.73 25.55
N LEU C 69 -20.92 -6.93 26.47
CA LEU C 69 -19.50 -6.69 26.19
C LEU C 69 -18.56 -7.87 25.96
N GLY C 70 -17.94 -7.88 24.78
CA GLY C 70 -16.97 -8.92 24.45
C GLY C 70 -15.60 -8.30 24.62
N THR C 71 -15.16 -8.18 25.88
CA THR C 71 -13.88 -7.59 26.25
C THR C 71 -12.66 -8.04 25.46
N VAL C 72 -11.75 -7.10 25.20
CA VAL C 72 -10.53 -7.41 24.46
C VAL C 72 -9.44 -7.91 25.39
N ASP C 73 -9.65 -7.73 26.68
CA ASP C 73 -8.70 -8.17 27.69
C ASP C 73 -9.49 -8.38 28.98
N PRO C 74 -9.19 -9.46 29.71
CA PRO C 74 -9.89 -9.75 30.97
C PRO C 74 -9.87 -8.62 32.02
N HIS C 75 -8.70 -8.03 32.23
CA HIS C 75 -8.52 -6.98 33.24
C HIS C 75 -8.65 -5.55 32.70
N ALA C 76 -9.14 -5.43 31.48
CA ALA C 76 -9.28 -4.13 30.82
C ALA C 76 -10.19 -3.15 31.53
N TYR C 77 -11.20 -3.64 32.23
CA TYR C 77 -12.12 -2.75 32.92
C TYR C 77 -12.31 -3.19 34.35
N GLU C 78 -11.41 -4.06 34.79
CA GLU C 78 -11.44 -4.61 36.14
C GLU C 78 -11.72 -3.58 37.22
N HIS C 79 -11.15 -2.39 37.09
CA HIS C 79 -11.32 -1.35 38.08
C HIS C 79 -11.98 -0.07 37.59
N ASN C 80 -12.44 -0.02 36.34
CA ASN C 80 -13.03 1.22 35.85
C ASN C 80 -14.28 1.10 34.98
N LEU C 81 -14.85 -0.09 34.88
CA LEU C 81 -16.02 -0.28 34.05
C LEU C 81 -17.10 0.78 34.27
N LYS C 82 -17.44 1.04 35.53
CA LYS C 82 -18.46 2.05 35.84
C LYS C 82 -18.07 3.42 35.29
N SER C 83 -16.79 3.62 35.02
CA SER C 83 -16.34 4.91 34.51
C SER C 83 -16.64 5.11 33.04
N TRP C 84 -16.82 4.03 32.29
CA TRP C 84 -17.13 4.17 30.87
C TRP C 84 -18.63 4.08 30.63
N VAL C 85 -19.23 3.02 31.15
CA VAL C 85 -20.64 2.74 31.01
C VAL C 85 -21.50 3.46 32.02
N GLY C 86 -20.92 3.74 33.18
CA GLY C 86 -21.66 4.43 34.23
C GLY C 86 -22.40 3.46 35.11
N ASN C 87 -23.71 3.41 34.96
CA ASN C 87 -24.51 2.51 35.77
C ASN C 87 -25.34 1.59 34.88
N THR C 88 -25.16 1.70 33.57
CA THR C 88 -25.89 0.82 32.66
C THR C 88 -25.47 -0.63 32.98
N PRO C 89 -26.43 -1.57 32.93
CA PRO C 89 -26.08 -2.97 33.22
C PRO C 89 -25.29 -3.60 32.08
N VAL C 90 -24.28 -4.38 32.42
CA VAL C 90 -23.42 -5.04 31.44
C VAL C 90 -23.48 -6.56 31.52
N PHE C 91 -23.30 -7.22 30.38
CA PHE C 91 -23.32 -8.69 30.32
C PHE C 91 -22.07 -9.19 29.59
N ALA C 92 -21.25 -9.96 30.30
CA ALA C 92 -20.03 -10.53 29.70
C ALA C 92 -20.45 -11.50 28.61
N THR C 93 -19.78 -11.46 27.48
CA THR C 93 -20.16 -12.34 26.39
C THR C 93 -19.32 -13.59 26.15
N VAL C 94 -18.31 -13.48 25.29
CA VAL C 94 -17.53 -14.66 24.97
C VAL C 94 -16.27 -14.86 25.76
N ASN C 95 -15.65 -13.76 26.15
CA ASN C 95 -14.41 -13.87 26.90
C ASN C 95 -14.64 -13.53 28.34
N GLN C 96 -13.75 -13.96 29.22
CA GLN C 96 -13.89 -13.69 30.63
C GLN C 96 -13.64 -12.24 31.02
N LEU C 97 -14.67 -11.59 31.53
CA LEU C 97 -14.58 -10.20 31.94
C LEU C 97 -14.40 -10.12 33.46
N ASP C 98 -13.19 -9.77 33.90
CA ASP C 98 -12.92 -9.68 35.34
C ASP C 98 -13.22 -8.29 35.90
N LEU C 99 -14.07 -8.24 36.93
CA LEU C 99 -14.45 -6.97 37.54
C LEU C 99 -14.17 -6.86 39.04
N ASP C 100 -14.31 -5.65 39.54
CA ASP C 100 -14.07 -5.33 40.94
C ASP C 100 -15.22 -5.63 41.85
N GLU C 101 -14.97 -5.46 43.15
CA GLU C 101 -15.98 -5.68 44.16
C GLU C 101 -16.92 -4.47 44.11
N GLU C 102 -16.50 -3.46 43.35
CA GLU C 102 -17.28 -2.24 43.18
C GLU C 102 -17.84 -2.24 41.77
N GLN C 103 -17.07 -2.83 40.86
CA GLN C 103 -17.45 -2.89 39.46
C GLN C 103 -18.51 -3.98 39.18
N SER C 104 -18.39 -5.13 39.84
CA SER C 104 -19.33 -6.22 39.63
C SER C 104 -20.79 -5.83 39.82
N THR C 105 -21.01 -4.68 40.46
CA THR C 105 -22.36 -4.17 40.68
C THR C 105 -23.09 -4.06 39.34
N LEU C 106 -22.32 -3.97 38.26
CA LEU C 106 -22.90 -3.83 36.93
C LEU C 106 -23.15 -5.11 36.13
N LEU C 107 -22.37 -6.16 36.40
CA LEU C 107 -22.51 -7.42 35.66
C LEU C 107 -23.75 -8.22 36.04
N LYS C 108 -24.73 -8.20 35.14
CA LYS C 108 -25.98 -8.90 35.36
C LYS C 108 -26.13 -10.20 34.60
N GLY C 109 -25.03 -10.85 34.25
CA GLY C 109 -25.13 -12.10 33.53
C GLY C 109 -23.97 -12.30 32.59
N GLU C 110 -23.67 -13.55 32.25
CA GLU C 110 -22.56 -13.82 31.36
C GLU C 110 -22.58 -15.19 30.68
N VAL C 111 -22.40 -15.16 29.37
CA VAL C 111 -22.35 -16.37 28.57
C VAL C 111 -20.85 -16.65 28.42
N GLY C 112 -20.49 -17.75 27.78
CA GLY C 112 -19.08 -18.04 27.60
C GLY C 112 -18.61 -19.40 28.05
N VAL C 113 -17.65 -19.93 27.31
CA VAL C 113 -17.05 -21.23 27.57
C VAL C 113 -15.57 -21.08 27.91
N ASP C 114 -15.11 -21.79 28.93
CA ASP C 114 -13.71 -21.74 29.35
C ASP C 114 -12.85 -22.39 28.25
N TRP C 115 -11.84 -21.69 27.74
CA TRP C 115 -11.00 -22.28 26.69
C TRP C 115 -10.21 -23.52 27.11
N TYR C 116 -10.11 -23.75 28.41
CA TYR C 116 -9.39 -24.90 28.93
C TYR C 116 -9.89 -26.21 28.31
N TRP C 117 -11.21 -26.36 28.25
CA TRP C 117 -11.82 -27.57 27.71
C TRP C 117 -11.77 -27.62 26.19
N MET C 118 -11.78 -26.44 25.60
CA MET C 118 -11.72 -26.36 24.16
C MET C 118 -10.47 -27.13 23.73
N GLY C 119 -9.44 -27.03 24.55
CA GLY C 119 -8.21 -27.73 24.25
C GLY C 119 -8.25 -29.14 24.79
N TYR C 120 -8.87 -29.31 25.95
CA TYR C 120 -8.98 -30.64 26.56
C TYR C 120 -9.57 -31.60 25.53
N GLU C 121 -10.60 -31.14 24.82
CA GLU C 121 -11.23 -31.98 23.81
C GLU C 121 -10.21 -32.41 22.77
N ALA C 122 -9.34 -31.49 22.40
CA ALA C 122 -8.29 -31.79 21.42
C ALA C 122 -7.34 -32.85 21.98
N GLY C 123 -6.96 -32.68 23.25
CA GLY C 123 -6.07 -33.60 23.91
C GLY C 123 -6.68 -35.00 23.97
N LYS C 124 -7.92 -35.09 24.42
CA LYS C 124 -8.58 -36.38 24.51
C LYS C 124 -8.70 -37.04 23.14
N TYR C 125 -9.07 -36.28 22.12
CA TYR C 125 -9.20 -36.86 20.79
C TYR C 125 -7.93 -37.57 20.38
N LEU C 126 -6.81 -36.88 20.52
CA LEU C 126 -5.52 -37.44 20.15
C LEU C 126 -5.10 -38.58 21.07
N ALA C 127 -5.24 -38.36 22.37
CA ALA C 127 -4.85 -39.38 23.34
C ALA C 127 -5.70 -40.65 23.22
N GLU C 128 -7.00 -40.49 23.04
CA GLU C 128 -7.90 -41.63 22.90
C GLU C 128 -7.74 -42.33 21.56
N ARG C 129 -6.82 -41.84 20.74
CA ARG C 129 -6.58 -42.43 19.43
C ARG C 129 -5.20 -43.06 19.38
N HIS C 130 -4.33 -42.61 20.28
CA HIS C 130 -2.96 -43.09 20.38
C HIS C 130 -2.65 -43.25 21.87
N PRO C 131 -3.20 -44.30 22.49
CA PRO C 131 -3.02 -44.62 23.92
C PRO C 131 -1.60 -45.05 24.29
N LYS C 132 -1.28 -44.95 25.58
CA LYS C 132 0.03 -45.34 26.08
C LYS C 132 0.33 -46.80 25.69
N GLY C 133 1.30 -46.98 24.79
CA GLY C 133 1.66 -48.31 24.35
C GLY C 133 1.46 -48.52 22.86
N SER C 134 0.45 -47.86 22.31
CA SER C 134 0.14 -47.97 20.89
C SER C 134 1.35 -47.66 20.02
N GLY C 135 2.04 -46.57 20.33
CA GLY C 135 3.20 -46.17 19.56
C GLY C 135 3.39 -44.67 19.66
N LYS C 136 4.61 -44.20 19.44
CA LYS C 136 4.90 -42.77 19.53
C LYS C 136 4.22 -41.96 18.44
N THR C 137 3.85 -40.73 18.78
CA THR C 137 3.19 -39.83 17.83
C THR C 137 3.73 -38.42 18.04
N ASN C 138 4.25 -37.84 16.97
CA ASN C 138 4.83 -36.50 17.04
C ASN C 138 3.86 -35.44 16.50
N ILE C 139 3.75 -34.34 17.23
CA ILE C 139 2.86 -33.25 16.85
C ILE C 139 3.45 -31.86 17.08
N ALA C 140 3.08 -30.92 16.22
CA ALA C 140 3.54 -29.53 16.33
C ALA C 140 2.33 -28.68 16.72
N LEU C 141 2.50 -27.79 17.69
CA LEU C 141 1.38 -26.96 18.12
C LEU C 141 1.39 -25.55 17.57
N LEU C 142 0.50 -25.29 16.61
CA LEU C 142 0.36 -23.97 15.99
C LEU C 142 -0.82 -23.29 16.68
N LEU C 143 -0.69 -23.09 17.99
CA LEU C 143 -1.74 -22.49 18.81
C LEU C 143 -1.83 -20.98 18.83
N GLY C 144 -1.10 -20.31 17.95
CA GLY C 144 -1.15 -18.86 17.93
C GLY C 144 -0.13 -18.17 18.83
N PRO C 145 -0.44 -16.95 19.30
CA PRO C 145 0.39 -16.10 20.17
C PRO C 145 1.00 -16.76 21.42
N ARG C 146 1.45 -15.91 22.35
CA ARG C 146 2.04 -16.40 23.58
C ARG C 146 2.06 -15.30 24.65
N LYS C 152 -3.09 -19.77 26.33
CA LYS C 152 -2.58 -20.40 27.54
C LYS C 152 -3.52 -21.48 28.08
N PRO C 153 -4.79 -21.11 28.36
CA PRO C 153 -5.73 -22.11 28.87
C PRO C 153 -5.87 -23.25 27.86
N VAL C 154 -6.03 -22.88 26.59
CA VAL C 154 -6.16 -23.85 25.52
C VAL C 154 -4.99 -24.81 25.57
N THR C 155 -3.81 -24.28 25.88
CA THR C 155 -2.61 -25.09 25.95
C THR C 155 -2.67 -26.04 27.15
N THR C 156 -2.78 -25.47 28.36
CA THR C 156 -2.85 -26.25 29.59
C THR C 156 -3.74 -27.48 29.46
N GLY C 157 -4.95 -27.27 28.96
CA GLY C 157 -5.88 -28.37 28.78
C GLY C 157 -5.37 -29.44 27.84
N PHE C 158 -4.84 -29.04 26.69
CA PHE C 158 -4.32 -30.00 25.71
C PHE C 158 -3.21 -30.81 26.36
N TYR C 159 -2.42 -30.16 27.20
CA TYR C 159 -1.31 -30.82 27.89
C TYR C 159 -1.79 -31.82 28.94
N GLU C 160 -2.85 -31.44 29.66
CA GLU C 160 -3.44 -32.27 30.71
C GLU C 160 -4.21 -33.46 30.11
N ALA C 161 -4.53 -33.37 28.82
CA ALA C 161 -5.27 -34.42 28.14
C ALA C 161 -4.41 -35.23 27.19
N ILE C 162 -3.12 -35.33 27.48
CA ILE C 162 -2.20 -36.10 26.63
C ILE C 162 -1.09 -36.78 27.43
N LYS C 163 -0.88 -36.34 28.67
CA LYS C 163 0.18 -36.88 29.50
C LYS C 163 0.14 -38.39 29.76
N ASN C 164 -0.96 -39.04 29.39
CA ASN C 164 -1.08 -40.47 29.61
C ASN C 164 -1.42 -41.24 28.34
N SER C 165 -0.56 -41.06 27.34
CA SER C 165 -0.71 -41.71 26.05
C SER C 165 0.63 -41.57 25.35
N ASP C 166 0.67 -41.83 24.05
CA ASP C 166 1.93 -41.72 23.31
C ASP C 166 1.95 -40.54 22.35
N ILE C 167 1.53 -39.37 22.85
CA ILE C 167 1.51 -38.16 22.05
C ILE C 167 2.69 -37.27 22.44
N HIS C 168 3.73 -37.28 21.62
CA HIS C 168 4.92 -36.47 21.88
C HIS C 168 4.86 -35.15 21.13
N ILE C 169 4.99 -34.06 21.88
CA ILE C 169 4.96 -32.72 21.32
C ILE C 169 6.38 -32.26 20.98
N VAL C 170 6.73 -32.33 19.69
CA VAL C 170 8.06 -31.91 19.27
C VAL C 170 8.29 -30.45 19.68
N ASP C 171 7.42 -29.55 19.21
CA ASP C 171 7.54 -28.14 19.54
C ASP C 171 6.28 -27.36 19.16
N SER C 172 6.06 -26.26 19.88
CA SER C 172 4.90 -25.40 19.64
C SER C 172 5.35 -24.09 18.99
N PHE C 173 5.15 -23.96 17.68
CA PHE C 173 5.53 -22.75 16.97
C PHE C 173 4.52 -21.64 17.19
N TRP C 174 4.86 -20.70 18.07
CA TRP C 174 3.97 -19.59 18.39
C TRP C 174 4.07 -18.42 17.40
N ALA C 175 2.95 -17.73 17.20
CA ALA C 175 2.88 -16.59 16.28
C ALA C 175 1.45 -16.06 16.30
N ASP C 176 1.22 -14.88 15.74
CA ASP C 176 -0.12 -14.32 15.72
C ASP C 176 -1.06 -15.10 14.82
N ASN C 177 -2.36 -15.00 15.07
CA ASN C 177 -3.34 -15.73 14.27
C ASN C 177 -3.63 -15.11 12.94
N ASP C 178 -2.61 -15.08 12.09
CA ASP C 178 -2.79 -14.54 10.75
C ASP C 178 -2.58 -15.66 9.75
N LYS C 179 -3.46 -15.76 8.78
CA LYS C 179 -3.37 -16.81 7.79
C LYS C 179 -1.95 -16.93 7.22
N GLU C 180 -1.38 -15.82 6.77
CA GLU C 180 -0.04 -15.86 6.21
C GLU C 180 1.05 -16.17 7.23
N LEU C 181 0.89 -15.69 8.45
CA LEU C 181 1.88 -15.96 9.48
C LEU C 181 1.86 -17.43 9.89
N GLN C 182 0.65 -17.98 10.05
CA GLN C 182 0.48 -19.38 10.45
C GLN C 182 0.81 -20.29 9.28
N ARG C 183 0.49 -19.85 8.06
CA ARG C 183 0.79 -20.65 6.87
C ARG C 183 2.28 -20.94 6.87
N ASN C 184 3.07 -19.92 7.17
CA ASN C 184 4.52 -20.04 7.19
C ASN C 184 4.95 -21.06 8.23
N LEU C 185 4.30 -21.03 9.40
CA LEU C 185 4.62 -21.96 10.47
C LEU C 185 4.28 -23.38 10.04
N VAL C 186 3.20 -23.52 9.26
CA VAL C 186 2.80 -24.83 8.76
C VAL C 186 3.91 -25.38 7.88
N GLN C 187 4.33 -24.57 6.91
CA GLN C 187 5.39 -24.94 5.97
C GLN C 187 6.64 -25.44 6.69
N ARG C 188 7.03 -24.77 7.77
CA ARG C 188 8.20 -25.21 8.53
C ARG C 188 7.99 -26.63 9.03
N VAL C 189 6.84 -26.85 9.67
CA VAL C 189 6.49 -28.15 10.21
C VAL C 189 6.62 -29.20 9.11
N ILE C 190 6.12 -28.88 7.93
CA ILE C 190 6.20 -29.78 6.80
C ILE C 190 7.66 -30.11 6.46
N ASP C 191 8.59 -29.31 6.96
CA ASP C 191 10.00 -29.55 6.68
C ASP C 191 10.73 -30.29 7.79
N MET C 192 10.09 -30.42 8.96
CA MET C 192 10.69 -31.16 10.06
C MET C 192 10.57 -32.64 9.77
N GLY C 193 9.68 -32.99 8.84
CA GLY C 193 9.46 -34.38 8.46
C GLY C 193 9.49 -35.32 9.64
N ASN C 194 9.19 -34.78 10.82
CA ASN C 194 9.20 -35.54 12.06
C ASN C 194 7.83 -35.37 12.72
N ILE C 195 6.90 -34.76 11.99
CA ILE C 195 5.55 -34.51 12.48
C ILE C 195 4.48 -35.41 11.85
N ASP C 196 3.47 -35.75 12.62
CA ASP C 196 2.37 -36.59 12.15
C ASP C 196 1.04 -35.83 12.17
N TYR C 197 0.78 -35.13 13.28
CA TYR C 197 -0.45 -34.36 13.46
C TYR C 197 -0.16 -32.92 13.88
N ILE C 198 -0.84 -31.97 13.24
CA ILE C 198 -0.67 -30.55 13.57
C ILE C 198 -1.89 -30.07 14.34
N VAL C 199 -1.70 -29.74 15.61
CA VAL C 199 -2.78 -29.26 16.43
C VAL C 199 -2.67 -27.75 16.62
N GLY C 200 -3.43 -26.99 15.84
CA GLY C 200 -3.36 -25.55 15.96
C GLY C 200 -4.67 -24.82 15.82
N SER C 201 -4.61 -23.50 15.88
CA SER C 201 -5.79 -22.65 15.75
C SER C 201 -6.55 -23.03 14.49
N ALA C 202 -7.77 -22.50 14.38
CA ALA C 202 -8.61 -22.75 13.22
C ALA C 202 -7.90 -22.10 12.05
N VAL C 203 -7.27 -20.96 12.30
CA VAL C 203 -6.55 -20.26 11.25
C VAL C 203 -5.41 -21.15 10.76
N ALA C 204 -4.60 -21.63 11.70
CA ALA C 204 -3.48 -22.51 11.34
C ALA C 204 -3.98 -23.68 10.52
N ILE C 205 -4.97 -24.38 11.05
CA ILE C 205 -5.56 -25.54 10.39
C ILE C 205 -6.08 -25.17 9.01
N GLU C 206 -6.82 -24.07 8.92
CA GLU C 206 -7.39 -23.64 7.65
C GLU C 206 -6.30 -23.47 6.57
N ALA C 207 -5.13 -22.98 6.97
CA ALA C 207 -4.01 -22.79 6.06
C ALA C 207 -3.40 -24.15 5.71
N ALA C 208 -3.15 -24.95 6.74
CA ALA C 208 -2.58 -26.29 6.59
C ALA C 208 -3.29 -27.11 5.50
N ILE C 209 -4.61 -27.03 5.44
CA ILE C 209 -5.37 -27.75 4.43
C ILE C 209 -4.87 -27.40 3.03
N SER C 210 -4.45 -26.16 2.80
CA SER C 210 -3.97 -25.76 1.48
C SER C 210 -2.50 -26.05 1.23
N GLU C 211 -1.66 -25.93 2.26
CA GLU C 211 -0.23 -26.20 2.11
C GLU C 211 0.02 -27.69 1.87
N LEU C 212 -0.66 -28.53 2.66
CA LEU C 212 -0.52 -29.97 2.53
C LEU C 212 -1.02 -30.43 1.17
N ARG C 213 -2.03 -29.76 0.64
CA ARG C 213 -2.59 -30.13 -0.65
C ARG C 213 -1.60 -29.85 -1.77
N SER C 214 -0.58 -29.03 -1.49
CA SER C 214 0.42 -28.67 -2.49
C SER C 214 1.73 -29.44 -2.29
N ALA C 215 1.78 -30.26 -1.26
CA ALA C 215 2.97 -31.05 -0.96
C ALA C 215 2.59 -32.52 -0.80
N ASP C 216 1.41 -32.87 -1.31
CA ASP C 216 0.88 -34.23 -1.23
C ASP C 216 0.99 -34.82 0.17
N LYS C 217 1.16 -33.94 1.16
CA LYS C 217 1.26 -34.37 2.55
C LYS C 217 -0.14 -34.46 3.15
N THR C 218 -1.15 -34.19 2.32
CA THR C 218 -2.55 -34.24 2.75
C THR C 218 -2.77 -35.48 3.59
N HIS C 219 -2.63 -36.63 2.95
CA HIS C 219 -2.81 -37.91 3.60
C HIS C 219 -1.49 -38.32 4.27
N ASP C 220 -0.86 -37.35 4.93
CA ASP C 220 0.40 -37.58 5.64
C ASP C 220 0.41 -36.85 6.97
N ILE C 221 -0.36 -35.78 7.06
CA ILE C 221 -0.44 -35.01 8.30
C ILE C 221 -1.88 -34.83 8.73
N GLY C 222 -2.14 -35.06 10.01
CA GLY C 222 -3.48 -34.92 10.54
C GLY C 222 -3.73 -33.54 11.11
N LEU C 223 -4.89 -32.97 10.80
CA LEU C 223 -5.20 -31.65 11.28
C LEU C 223 -6.23 -31.68 12.40
N VAL C 224 -5.80 -31.26 13.58
CA VAL C 224 -6.69 -31.22 14.73
C VAL C 224 -6.83 -29.78 15.24
N SER C 225 -7.92 -29.12 14.86
CA SER C 225 -8.13 -27.74 15.28
C SER C 225 -8.65 -27.67 16.70
N VAL C 226 -8.55 -26.50 17.32
CA VAL C 226 -9.00 -26.29 18.69
C VAL C 226 -10.26 -25.42 18.81
N TYR C 227 -10.87 -25.13 17.68
CA TYR C 227 -12.13 -24.36 17.65
C TYR C 227 -12.68 -24.36 16.24
N LEU C 228 -13.91 -23.91 16.08
CA LEU C 228 -14.51 -23.99 14.76
C LEU C 228 -14.43 -22.76 13.90
N SER C 229 -14.44 -23.01 12.60
CA SER C 229 -14.44 -21.96 11.59
C SER C 229 -15.07 -22.56 10.34
N HIS C 230 -15.73 -21.73 9.54
CA HIS C 230 -16.33 -22.23 8.34
C HIS C 230 -15.27 -23.02 7.56
N GLY C 231 -14.02 -22.55 7.61
CA GLY C 231 -12.97 -23.22 6.89
C GLY C 231 -12.66 -24.59 7.45
N VAL C 232 -12.56 -24.68 8.77
CA VAL C 232 -12.28 -25.94 9.46
C VAL C 232 -13.42 -26.93 9.27
N TYR C 233 -14.65 -26.41 9.29
CA TYR C 233 -15.82 -27.27 9.14
C TYR C 233 -15.86 -27.83 7.73
N ARG C 234 -15.79 -26.96 6.73
CA ARG C 234 -15.80 -27.43 5.36
C ARG C 234 -14.67 -28.45 5.21
N GLY C 235 -13.73 -28.43 6.16
CA GLY C 235 -12.61 -29.36 6.13
C GLY C 235 -13.00 -30.71 6.70
N LEU C 236 -13.75 -30.67 7.80
CA LEU C 236 -14.24 -31.89 8.42
C LEU C 236 -15.25 -32.52 7.46
N LEU C 237 -15.97 -31.68 6.72
CA LEU C 237 -16.99 -32.15 5.78
C LEU C 237 -16.36 -32.79 4.56
N ARG C 238 -15.07 -32.59 4.38
CA ARG C 238 -14.35 -33.17 3.26
C ARG C 238 -13.31 -34.14 3.79
N ASN C 239 -13.36 -34.39 5.09
CA ASN C 239 -12.45 -35.31 5.74
C ASN C 239 -11.01 -34.84 5.66
N LYS C 240 -10.80 -33.57 5.31
CA LYS C 240 -9.44 -33.03 5.22
C LYS C 240 -8.98 -32.45 6.55
N VAL C 241 -9.82 -32.65 7.58
CA VAL C 241 -9.56 -32.23 8.94
C VAL C 241 -10.01 -33.42 9.76
N LEU C 242 -9.51 -33.57 10.98
CA LEU C 242 -9.92 -34.73 11.77
C LEU C 242 -10.88 -34.36 12.89
N PHE C 243 -10.37 -33.61 13.87
CA PHE C 243 -11.16 -33.19 15.02
C PHE C 243 -11.55 -31.70 14.92
N ALA C 244 -12.19 -31.19 15.97
CA ALA C 244 -12.63 -29.79 16.04
C ALA C 244 -13.69 -29.61 17.13
N PRO C 245 -13.34 -28.96 18.25
CA PRO C 245 -14.30 -28.73 19.33
C PRO C 245 -15.10 -27.45 19.12
N THR C 246 -16.42 -27.56 19.05
CA THR C 246 -17.28 -26.39 18.86
C THR C 246 -17.88 -25.91 20.15
N ASP C 247 -17.67 -24.63 20.47
CA ASP C 247 -18.25 -24.10 21.70
C ASP C 247 -19.56 -23.40 21.37
N LYS C 248 -20.16 -23.82 20.26
CA LYS C 248 -21.43 -23.29 19.78
C LYS C 248 -21.47 -21.77 19.82
N MET C 249 -20.68 -21.15 18.94
CA MET C 249 -20.59 -19.70 18.85
C MET C 249 -21.95 -19.04 18.71
N VAL C 250 -22.68 -19.36 17.64
CA VAL C 250 -23.99 -18.79 17.41
C VAL C 250 -24.90 -18.83 18.61
N GLN C 251 -24.91 -19.95 19.32
CA GLN C 251 -25.78 -20.07 20.48
C GLN C 251 -25.35 -19.10 21.56
N GLN C 252 -24.03 -19.02 21.75
CA GLN C 252 -23.41 -18.15 22.75
C GLN C 252 -23.89 -16.71 22.54
N GLY C 253 -24.04 -16.32 21.28
CA GLY C 253 -24.49 -14.98 20.97
C GLY C 253 -25.94 -14.79 21.36
N ARG C 254 -26.79 -15.73 20.94
CA ARG C 254 -28.23 -15.68 21.26
C ARG C 254 -28.41 -15.59 22.76
N LEU C 255 -27.64 -16.38 23.48
CA LEU C 255 -27.70 -16.37 24.92
C LEU C 255 -27.63 -14.97 25.55
N SER C 256 -26.62 -14.20 25.16
CA SER C 256 -26.44 -12.85 25.69
C SER C 256 -27.61 -11.90 25.41
N VAL C 257 -28.13 -11.92 24.19
CA VAL C 257 -29.27 -11.08 23.85
C VAL C 257 -30.49 -11.51 24.69
N MET C 258 -30.61 -12.83 24.89
CA MET C 258 -31.71 -13.41 25.67
C MET C 258 -31.52 -13.03 27.13
N GLN C 259 -30.28 -13.08 27.61
CA GLN C 259 -29.98 -12.71 28.98
C GLN C 259 -30.40 -11.27 29.25
N ALA C 260 -29.84 -10.35 28.46
CA ALA C 260 -30.10 -8.91 28.60
C ALA C 260 -31.57 -8.53 28.49
N ALA C 261 -32.17 -8.84 27.35
CA ALA C 261 -33.57 -8.53 27.14
C ALA C 261 -34.42 -9.05 28.31
N HIS C 262 -34.03 -10.20 28.86
CA HIS C 262 -34.76 -10.77 29.98
C HIS C 262 -34.59 -9.91 31.23
N TYR C 263 -33.36 -9.49 31.49
CA TYR C 263 -33.07 -8.64 32.62
C TYR C 263 -33.89 -7.35 32.53
N LEU C 264 -33.83 -6.71 31.37
CA LEU C 264 -34.54 -5.45 31.16
C LEU C 264 -36.05 -5.59 31.25
N ARG C 265 -36.56 -6.80 31.09
CA ARG C 265 -38.00 -7.04 31.13
C ARG C 265 -38.50 -7.73 32.40
N HIS C 266 -37.60 -7.92 33.35
CA HIS C 266 -37.93 -8.56 34.63
C HIS C 266 -38.38 -9.99 34.43
N GLN C 267 -37.61 -10.75 33.67
CA GLN C 267 -37.95 -12.14 33.40
C GLN C 267 -36.89 -13.07 33.98
N PRO C 268 -37.22 -14.35 34.15
CA PRO C 268 -36.29 -15.33 34.69
C PRO C 268 -35.21 -15.72 33.68
N TYR C 269 -33.97 -15.79 34.12
CA TYR C 269 -32.89 -16.20 33.23
C TYR C 269 -31.73 -16.62 34.09
N GLU C 270 -30.90 -17.51 33.57
CA GLU C 270 -29.74 -17.97 34.31
C GLU C 270 -28.55 -17.11 33.95
N LYS C 271 -27.82 -16.67 34.96
CA LYS C 271 -26.69 -15.78 34.77
C LYS C 271 -25.43 -16.35 34.10
N GLN C 272 -24.82 -17.37 34.68
CA GLN C 272 -23.60 -17.95 34.14
C GLN C 272 -23.81 -19.08 33.12
N ALA C 273 -24.58 -18.82 32.07
CA ALA C 273 -24.86 -19.82 31.03
C ALA C 273 -23.62 -20.17 30.23
N SER C 274 -23.33 -21.46 30.12
CA SER C 274 -22.14 -21.95 29.39
C SER C 274 -22.42 -23.23 28.61
N PRO C 275 -22.60 -23.13 27.29
CA PRO C 275 -22.88 -24.33 26.50
C PRO C 275 -21.91 -25.46 26.75
N ILE C 276 -22.35 -26.67 26.38
CA ILE C 276 -21.55 -27.89 26.53
C ILE C 276 -20.78 -28.04 25.23
N ILE C 277 -19.46 -28.13 25.34
CA ILE C 277 -18.61 -28.29 24.16
C ILE C 277 -18.93 -29.59 23.43
N LYS C 278 -19.31 -29.48 22.17
CA LYS C 278 -19.64 -30.63 21.35
C LYS C 278 -18.48 -31.01 20.45
N PRO C 279 -17.96 -32.25 20.57
CA PRO C 279 -16.85 -32.74 19.75
C PRO C 279 -17.26 -32.98 18.28
N LEU C 280 -16.31 -32.92 17.37
CA LEU C 280 -16.62 -33.14 15.97
C LEU C 280 -15.55 -33.95 15.26
N THR C 281 -15.96 -34.73 14.27
CA THR C 281 -15.07 -35.54 13.46
C THR C 281 -15.71 -35.56 12.08
N PRO C 282 -14.98 -36.05 11.06
CA PRO C 282 -15.51 -36.09 9.70
C PRO C 282 -16.80 -36.90 9.60
N LYS C 283 -16.84 -38.00 10.32
CA LYS C 283 -17.98 -38.91 10.31
C LYS C 283 -19.21 -38.37 11.03
N THR C 284 -19.01 -37.78 12.21
CA THR C 284 -20.13 -37.26 12.99
C THR C 284 -20.47 -35.78 12.82
N LEU C 285 -21.03 -35.41 11.69
CA LEU C 285 -21.41 -34.00 11.49
C LEU C 285 -22.90 -33.80 11.71
N HIS C 286 -23.25 -33.37 12.92
CA HIS C 286 -24.64 -33.14 13.28
C HIS C 286 -25.16 -31.79 12.78
N ASP C 287 -26.21 -31.82 11.97
CA ASP C 287 -26.80 -30.61 11.40
C ASP C 287 -27.13 -29.53 12.41
N ASP C 288 -27.68 -29.91 13.55
CA ASP C 288 -28.04 -28.94 14.58
C ASP C 288 -26.79 -28.20 15.07
N THR C 289 -25.82 -28.96 15.55
CA THR C 289 -24.59 -28.40 16.07
C THR C 289 -24.02 -27.30 15.17
N ILE C 290 -24.13 -27.50 13.86
CA ILE C 290 -23.59 -26.54 12.90
C ILE C 290 -24.39 -25.24 12.81
N GLU C 291 -25.69 -25.30 13.04
CA GLU C 291 -26.50 -24.10 12.98
C GLU C 291 -26.39 -23.28 14.26
N GLU C 292 -26.04 -23.95 15.36
CA GLU C 292 -25.89 -23.22 16.60
C GLU C 292 -24.41 -22.99 16.87
N SER C 293 -23.63 -23.00 15.79
CA SER C 293 -22.19 -22.78 15.91
C SER C 293 -21.64 -21.83 14.84
N LEU C 294 -22.03 -22.03 13.59
CA LEU C 294 -21.56 -21.22 12.48
C LEU C 294 -22.63 -20.41 11.77
N SER C 295 -22.28 -19.19 11.38
CA SER C 295 -23.21 -18.32 10.68
C SER C 295 -23.65 -19.04 9.40
N PRO C 296 -24.89 -18.78 8.97
CA PRO C 296 -25.44 -19.42 7.76
C PRO C 296 -24.72 -18.96 6.48
N SER C 297 -24.98 -19.68 5.40
CA SER C 297 -24.40 -19.32 4.12
C SER C 297 -25.02 -17.98 3.82
N GLU C 298 -24.30 -17.14 3.10
CA GLU C 298 -24.81 -15.83 2.72
C GLU C 298 -25.09 -14.85 3.86
N TYR C 299 -24.85 -15.23 5.11
CA TYR C 299 -25.08 -14.25 6.17
C TYR C 299 -23.91 -13.30 6.26
N ARG C 300 -24.21 -12.00 6.31
CA ARG C 300 -23.18 -10.98 6.40
C ARG C 300 -23.38 -10.22 7.70
N PRO C 301 -22.28 -9.83 8.36
CA PRO C 301 -22.30 -9.09 9.64
C PRO C 301 -23.35 -7.99 9.64
N THR C 302 -24.19 -7.96 10.67
CA THR C 302 -25.22 -6.94 10.73
C THR C 302 -25.02 -6.14 11.99
N PHE C 303 -25.39 -4.86 11.96
CA PHE C 303 -25.17 -4.00 13.11
C PHE C 303 -26.38 -3.23 13.65
N SER C 304 -27.58 -3.59 13.17
CA SER C 304 -28.82 -2.94 13.58
C SER C 304 -30.02 -3.71 13.07
N ASP D 5 13.73 -25.91 -31.98
CA ASP D 5 14.91 -25.11 -31.56
C ASP D 5 15.07 -23.89 -32.47
N GLU D 6 14.31 -22.85 -32.19
CA GLU D 6 14.38 -21.62 -32.98
C GLU D 6 14.06 -20.40 -32.12
N LYS D 7 14.86 -19.35 -32.24
CA LYS D 7 14.67 -18.14 -31.44
C LYS D 7 13.48 -17.28 -31.84
N ILE D 8 12.39 -17.44 -31.09
CA ILE D 8 11.17 -16.66 -31.29
C ILE D 8 10.83 -16.03 -29.94
N CYS D 9 10.82 -14.71 -29.93
CA CYS D 9 10.59 -13.92 -28.72
C CYS D 9 9.28 -13.12 -28.80
N ALA D 10 8.27 -13.54 -28.03
CA ALA D 10 6.96 -12.87 -28.02
C ALA D 10 6.90 -11.76 -26.97
N ILE D 11 6.60 -10.55 -27.42
CA ILE D 11 6.53 -9.37 -26.56
C ILE D 11 5.12 -8.80 -26.42
N TYR D 12 4.42 -9.19 -25.36
CA TYR D 12 3.07 -8.70 -25.10
C TYR D 12 3.10 -7.31 -24.48
N PRO D 13 1.93 -6.67 -24.36
CA PRO D 13 1.88 -5.33 -23.75
C PRO D 13 1.63 -5.53 -22.25
N HIS D 14 1.19 -6.75 -21.91
CA HIS D 14 0.90 -7.19 -20.54
C HIS D 14 0.34 -8.61 -20.57
N LEU D 15 -0.04 -9.12 -19.41
CA LEU D 15 -0.64 -10.44 -19.33
C LEU D 15 -1.64 -10.43 -18.17
N LYS D 16 -2.61 -9.52 -18.27
CA LYS D 16 -3.65 -9.35 -17.26
C LYS D 16 -5.05 -9.74 -17.75
N ASP D 17 -5.38 -9.37 -18.99
CA ASP D 17 -6.66 -9.69 -19.64
C ASP D 17 -6.77 -11.19 -19.74
N SER D 18 -7.97 -11.69 -20.04
CA SER D 18 -8.13 -13.11 -20.27
C SER D 18 -7.85 -13.11 -21.78
N TYR D 19 -8.02 -11.93 -22.38
CA TYR D 19 -7.76 -11.75 -23.80
C TYR D 19 -6.35 -12.21 -24.11
N TRP D 20 -5.37 -11.66 -23.39
CA TRP D 20 -3.97 -12.05 -23.62
C TRP D 20 -3.63 -13.31 -22.89
N LEU D 21 -4.35 -13.62 -21.82
CA LEU D 21 -4.07 -14.86 -21.10
C LEU D 21 -4.38 -15.98 -22.08
N SER D 22 -5.21 -15.65 -23.07
CA SER D 22 -5.60 -16.60 -24.11
C SER D 22 -4.63 -16.49 -25.28
N VAL D 23 -4.44 -15.28 -25.82
CA VAL D 23 -3.46 -15.08 -26.90
C VAL D 23 -2.18 -15.84 -26.51
N ASN D 24 -2.00 -16.04 -25.20
CA ASN D 24 -0.84 -16.72 -24.68
C ASN D 24 -0.92 -18.20 -25.04
N TYR D 25 -1.99 -18.85 -24.60
CA TYR D 25 -2.21 -20.28 -24.87
C TYR D 25 -1.98 -20.55 -26.35
N GLY D 26 -2.27 -19.53 -27.16
CA GLY D 26 -2.13 -19.63 -28.61
C GLY D 26 -0.71 -19.72 -29.12
N MET D 27 0.18 -18.93 -28.55
CA MET D 27 1.58 -18.94 -28.95
C MET D 27 2.28 -20.09 -28.24
N VAL D 28 1.88 -20.34 -27.00
CA VAL D 28 2.46 -21.41 -26.23
C VAL D 28 2.20 -22.76 -26.88
N SER D 29 0.92 -23.10 -26.99
CA SER D 29 0.53 -24.37 -27.59
C SER D 29 1.03 -24.54 -29.02
N GLU D 30 1.09 -23.43 -29.77
CA GLU D 30 1.54 -23.47 -31.16
C GLU D 30 3.07 -23.42 -31.24
N ALA D 31 3.72 -23.49 -30.08
CA ALA D 31 5.18 -23.48 -30.01
C ALA D 31 5.70 -24.88 -29.75
N GLU D 32 4.92 -25.71 -29.08
CA GLU D 32 5.33 -27.08 -28.80
C GLU D 32 4.82 -27.94 -29.96
N LYS D 33 3.94 -27.36 -30.78
CA LYS D 33 3.37 -28.06 -31.92
C LYS D 33 4.22 -27.78 -33.16
N GLN D 34 5.18 -26.87 -33.01
CA GLN D 34 6.11 -26.53 -34.08
C GLN D 34 7.53 -26.65 -33.52
N GLY D 35 7.61 -27.22 -32.32
CA GLY D 35 8.88 -27.43 -31.64
C GLY D 35 9.86 -26.27 -31.57
N VAL D 36 9.37 -25.04 -31.73
CA VAL D 36 10.25 -23.87 -31.68
C VAL D 36 10.68 -23.51 -30.27
N ASN D 37 11.51 -22.47 -30.19
CA ASN D 37 12.04 -21.96 -28.93
C ASN D 37 11.45 -20.57 -28.70
N LEU D 38 10.33 -20.54 -27.98
CA LEU D 38 9.64 -19.30 -27.70
C LEU D 38 9.69 -18.88 -26.23
N ARG D 39 10.08 -17.63 -26.01
CA ARG D 39 10.16 -17.06 -24.69
C ARG D 39 9.24 -15.86 -24.71
N VAL D 40 8.54 -15.66 -23.60
CA VAL D 40 7.59 -14.58 -23.48
C VAL D 40 7.94 -13.49 -22.46
N LEU D 41 7.94 -12.24 -22.91
CA LEU D 41 8.24 -11.10 -22.06
C LEU D 41 7.08 -10.13 -22.14
N GLU D 42 6.41 -9.89 -21.01
CA GLU D 42 5.27 -8.99 -20.99
C GLU D 42 5.65 -7.67 -20.33
N ALA D 43 5.36 -6.57 -21.02
CA ALA D 43 5.68 -5.23 -20.55
C ALA D 43 5.02 -4.80 -19.25
N GLY D 44 4.20 -5.67 -18.68
CA GLY D 44 3.51 -5.36 -17.45
C GLY D 44 2.46 -4.26 -17.53
N GLY D 45 2.26 -3.67 -18.70
CA GLY D 45 1.25 -2.63 -18.80
C GLY D 45 1.36 -1.80 -20.06
N TYR D 46 0.26 -1.20 -20.50
CA TYR D 46 0.30 -0.41 -21.72
C TYR D 46 1.10 0.86 -21.58
N PRO D 47 1.06 1.50 -20.40
CA PRO D 47 1.85 2.73 -20.31
C PRO D 47 3.31 2.42 -20.03
N ASN D 48 3.68 1.14 -20.07
CA ASN D 48 5.05 0.72 -19.81
C ASN D 48 5.87 0.58 -21.08
N LYS D 49 5.91 1.66 -21.86
CA LYS D 49 6.64 1.67 -23.11
C LYS D 49 8.14 1.47 -22.89
N SER D 50 8.69 2.25 -21.97
CA SER D 50 10.11 2.15 -21.66
C SER D 50 10.50 0.71 -21.37
N ARG D 51 9.64 0.00 -20.64
CA ARG D 51 9.94 -1.37 -20.30
C ARG D 51 9.88 -2.34 -21.48
N GLN D 52 9.08 -2.01 -22.49
CA GLN D 52 8.98 -2.88 -23.66
C GLN D 52 10.19 -2.66 -24.58
N GLU D 53 10.60 -1.39 -24.71
CA GLU D 53 11.78 -1.04 -25.53
C GLU D 53 12.96 -1.85 -25.03
N GLN D 54 13.08 -1.94 -23.70
CA GLN D 54 14.16 -2.71 -23.09
C GLN D 54 13.96 -4.21 -23.28
N GLN D 55 12.74 -4.71 -23.07
CA GLN D 55 12.46 -6.14 -23.23
C GLN D 55 12.64 -6.49 -24.69
N LEU D 56 12.44 -5.49 -25.55
CA LEU D 56 12.58 -5.63 -26.98
C LEU D 56 14.08 -5.78 -27.27
N ALA D 57 14.86 -4.97 -26.55
CA ALA D 57 16.32 -5.01 -26.66
C ALA D 57 16.83 -6.26 -25.96
N LEU D 58 16.08 -6.71 -24.95
CA LEU D 58 16.46 -7.91 -24.22
C LEU D 58 16.27 -9.10 -25.14
N CYS D 59 15.22 -9.07 -25.95
CA CYS D 59 14.98 -10.17 -26.87
C CYS D 59 16.20 -10.38 -27.75
N THR D 60 16.66 -9.29 -28.39
CA THR D 60 17.82 -9.34 -29.26
C THR D 60 19.02 -9.97 -28.55
N GLN D 61 19.38 -9.42 -27.38
CA GLN D 61 20.51 -9.92 -26.59
C GLN D 61 20.36 -11.42 -26.38
N TRP D 62 19.12 -11.88 -26.26
CA TRP D 62 18.87 -13.31 -26.08
C TRP D 62 19.13 -14.04 -27.38
N GLY D 63 19.23 -13.26 -28.46
CA GLY D 63 19.49 -13.82 -29.77
C GLY D 63 18.24 -14.35 -30.46
N ALA D 64 17.20 -13.53 -30.47
CA ALA D 64 15.96 -13.93 -31.11
C ALA D 64 16.03 -13.70 -32.62
N ASN D 65 15.88 -14.78 -33.38
CA ASN D 65 15.92 -14.74 -34.84
C ASN D 65 14.82 -13.82 -35.36
N ALA D 66 13.59 -14.10 -34.94
CA ALA D 66 12.43 -13.32 -35.30
C ALA D 66 11.64 -13.09 -34.02
N ILE D 67 11.08 -11.90 -33.87
CA ILE D 67 10.31 -11.59 -32.68
C ILE D 67 8.89 -11.12 -32.99
N ILE D 68 7.94 -11.69 -32.27
CA ILE D 68 6.52 -11.36 -32.40
C ILE D 68 6.19 -10.31 -31.34
N LEU D 69 5.97 -9.09 -31.82
CA LEU D 69 5.67 -7.97 -30.95
C LEU D 69 4.19 -7.53 -30.86
N GLY D 70 3.71 -7.38 -29.62
CA GLY D 70 2.35 -6.90 -29.39
C GLY D 70 2.52 -5.53 -28.76
N THR D 71 2.75 -4.52 -29.61
CA THR D 71 2.99 -3.15 -29.12
C THR D 71 1.99 -2.47 -28.23
N VAL D 72 2.54 -1.70 -27.31
CA VAL D 72 1.81 -0.93 -26.32
C VAL D 72 1.52 0.40 -26.96
N ASP D 73 1.54 0.43 -28.29
CA ASP D 73 1.30 1.63 -29.05
C ASP D 73 1.68 1.39 -30.50
N PRO D 74 0.86 1.87 -31.44
CA PRO D 74 1.13 1.68 -32.86
C PRO D 74 2.34 2.48 -33.30
N HIS D 75 2.33 3.77 -32.94
CA HIS D 75 3.40 4.67 -33.32
C HIS D 75 4.62 4.68 -32.39
N ALA D 76 4.84 3.58 -31.69
CA ALA D 76 5.96 3.47 -30.75
C ALA D 76 7.31 3.19 -31.41
N TYR D 77 7.33 2.26 -32.35
CA TYR D 77 8.56 1.88 -33.05
C TYR D 77 8.44 2.21 -34.52
N GLU D 78 7.64 3.24 -34.81
CA GLU D 78 7.38 3.69 -36.17
C GLU D 78 8.66 4.09 -36.92
N HIS D 79 9.56 4.75 -36.20
CA HIS D 79 10.80 5.20 -36.78
C HIS D 79 11.99 4.69 -35.99
N ASN D 80 11.83 3.61 -35.23
CA ASN D 80 12.94 3.13 -34.40
C ASN D 80 13.09 1.63 -34.21
N LEU D 81 12.07 0.85 -34.57
CA LEU D 81 12.12 -0.60 -34.38
C LEU D 81 13.51 -1.24 -34.56
N LYS D 82 14.09 -1.05 -35.75
CA LYS D 82 15.39 -1.62 -36.07
C LYS D 82 16.41 -1.21 -35.00
N SER D 83 16.28 0.05 -34.57
CA SER D 83 17.13 0.66 -33.55
C SER D 83 17.07 -0.06 -32.20
N TRP D 84 16.19 -1.05 -32.07
CA TRP D 84 16.06 -1.81 -30.83
C TRP D 84 16.25 -3.30 -31.12
N VAL D 85 16.07 -3.71 -32.37
CA VAL D 85 16.20 -5.12 -32.71
C VAL D 85 17.18 -5.42 -33.84
N GLY D 86 17.41 -4.44 -34.72
CA GLY D 86 18.34 -4.66 -35.81
C GLY D 86 17.75 -5.34 -37.04
N ASN D 87 18.44 -6.36 -37.54
CA ASN D 87 17.97 -7.08 -38.73
C ASN D 87 16.84 -8.02 -38.40
N THR D 88 16.55 -8.16 -37.11
CA THR D 88 15.49 -9.07 -36.70
C THR D 88 14.16 -8.75 -37.37
N PRO D 89 13.50 -9.79 -37.91
CA PRO D 89 12.21 -9.67 -38.59
C PRO D 89 11.13 -9.70 -37.53
N VAL D 90 10.27 -8.69 -37.52
CA VAL D 90 9.20 -8.61 -36.54
C VAL D 90 7.87 -9.09 -37.09
N PHE D 91 7.06 -9.66 -36.21
CA PHE D 91 5.74 -10.16 -36.57
C PHE D 91 4.72 -9.54 -35.62
N ALA D 92 3.86 -8.66 -36.13
CA ALA D 92 2.84 -8.03 -35.28
C ALA D 92 1.90 -9.15 -34.82
N THR D 93 1.61 -9.22 -33.53
CA THR D 93 0.75 -10.27 -32.98
C THR D 93 -0.71 -9.92 -32.82
N VAL D 94 -1.02 -8.73 -32.29
CA VAL D 94 -2.42 -8.38 -32.10
C VAL D 94 -2.70 -6.93 -32.31
N ASN D 95 -1.68 -6.10 -32.31
CA ASN D 95 -1.93 -4.68 -32.50
C ASN D 95 -1.25 -4.08 -33.73
N GLN D 96 -1.84 -3.01 -34.22
CA GLN D 96 -1.33 -2.32 -35.39
C GLN D 96 0.09 -1.83 -35.12
N LEU D 97 1.03 -2.22 -35.96
CA LEU D 97 2.43 -1.80 -35.82
C LEU D 97 2.81 -0.90 -36.99
N ASP D 98 2.61 0.40 -36.83
CA ASP D 98 2.93 1.36 -37.89
C ASP D 98 4.42 1.68 -38.01
N LEU D 99 5.05 1.18 -39.06
CA LEU D 99 6.47 1.42 -39.30
C LEU D 99 6.67 2.44 -40.42
N ASP D 100 7.90 2.91 -40.59
CA ASP D 100 8.24 3.87 -41.65
C ASP D 100 8.67 3.05 -42.86
N GLU D 101 8.88 3.70 -44.00
CA GLU D 101 9.31 2.96 -45.19
C GLU D 101 10.60 2.19 -44.88
N GLU D 102 11.45 2.80 -44.06
CA GLU D 102 12.71 2.19 -43.64
C GLU D 102 12.49 1.10 -42.59
N GLN D 103 11.84 1.47 -41.48
CA GLN D 103 11.58 0.51 -40.41
C GLN D 103 10.79 -0.68 -40.94
N SER D 104 9.74 -0.40 -41.71
CA SER D 104 8.86 -1.42 -42.28
C SER D 104 9.63 -2.60 -42.85
N THR D 105 10.83 -2.31 -43.32
CA THR D 105 11.71 -3.33 -43.91
C THR D 105 11.93 -4.52 -42.99
N LEU D 106 11.42 -4.41 -41.77
CA LEU D 106 11.59 -5.46 -40.78
C LEU D 106 10.36 -6.38 -40.68
N LEU D 107 9.18 -5.81 -40.81
CA LEU D 107 7.94 -6.55 -40.73
C LEU D 107 7.85 -7.56 -41.86
N LYS D 108 7.72 -8.84 -41.51
CA LYS D 108 7.65 -9.89 -42.50
C LYS D 108 6.27 -10.54 -42.53
N GLY D 109 5.54 -10.40 -41.43
CA GLY D 109 4.21 -10.96 -41.32
C GLY D 109 3.46 -10.33 -40.16
N GLU D 110 2.14 -10.26 -40.24
CA GLU D 110 1.34 -9.66 -39.17
C GLU D 110 -0.08 -10.16 -39.10
N VAL D 111 -0.48 -10.61 -37.91
CA VAL D 111 -1.83 -11.08 -37.68
C VAL D 111 -2.58 -9.94 -37.00
N GLY D 112 -3.91 -9.95 -37.11
CA GLY D 112 -4.68 -8.89 -36.49
C GLY D 112 -6.06 -8.75 -37.09
N VAL D 113 -7.06 -8.81 -36.22
CA VAL D 113 -8.45 -8.71 -36.63
C VAL D 113 -8.98 -7.27 -36.60
N ASP D 114 -9.45 -6.78 -37.75
CA ASP D 114 -10.02 -5.44 -37.84
C ASP D 114 -11.23 -5.42 -36.89
N TRP D 115 -11.15 -4.60 -35.86
CA TRP D 115 -12.24 -4.55 -34.88
C TRP D 115 -13.55 -3.96 -35.39
N TYR D 116 -13.48 -3.28 -36.54
CA TYR D 116 -14.66 -2.69 -37.17
C TYR D 116 -15.75 -3.75 -37.25
N TRP D 117 -15.34 -4.96 -37.62
CA TRP D 117 -16.27 -6.08 -37.77
C TRP D 117 -16.63 -6.74 -36.45
N MET D 118 -16.17 -6.16 -35.34
CA MET D 118 -16.50 -6.68 -34.02
C MET D 118 -17.67 -5.81 -33.56
N GLY D 119 -17.55 -4.51 -33.82
CA GLY D 119 -18.60 -3.58 -33.47
C GLY D 119 -19.77 -3.84 -34.39
N TYR D 120 -19.45 -4.15 -35.65
CA TYR D 120 -20.48 -4.42 -36.64
C TYR D 120 -21.23 -5.68 -36.21
N GLU D 121 -20.50 -6.74 -35.94
CA GLU D 121 -21.12 -7.97 -35.51
C GLU D 121 -22.05 -7.75 -34.31
N ALA D 122 -21.71 -6.77 -33.48
CA ALA D 122 -22.51 -6.49 -32.29
C ALA D 122 -23.76 -5.68 -32.61
N GLY D 123 -23.60 -4.66 -33.46
CA GLY D 123 -24.74 -3.84 -33.85
C GLY D 123 -25.69 -4.63 -34.73
N LYS D 124 -25.14 -5.53 -35.53
CA LYS D 124 -25.94 -6.36 -36.43
C LYS D 124 -26.87 -7.24 -35.61
N TYR D 125 -26.40 -7.71 -34.45
CA TYR D 125 -27.23 -8.55 -33.59
C TYR D 125 -28.42 -7.78 -33.04
N LEU D 126 -28.22 -6.51 -32.74
CA LEU D 126 -29.31 -5.72 -32.18
C LEU D 126 -30.21 -5.14 -33.25
N ALA D 127 -29.67 -4.88 -34.43
CA ALA D 127 -30.47 -4.33 -35.53
C ALA D 127 -31.38 -5.43 -36.07
N GLU D 128 -31.02 -6.67 -35.77
CA GLU D 128 -31.75 -7.85 -36.20
C GLU D 128 -32.73 -8.26 -35.13
N ARG D 129 -32.57 -7.69 -33.95
CA ARG D 129 -33.43 -7.98 -32.81
C ARG D 129 -34.42 -6.83 -32.65
N HIS D 130 -34.12 -5.72 -33.33
CA HIS D 130 -34.95 -4.53 -33.27
C HIS D 130 -34.98 -3.81 -34.60
N PRO D 131 -35.50 -4.49 -35.63
CA PRO D 131 -35.59 -3.93 -36.97
C PRO D 131 -36.33 -2.61 -36.97
N LYS D 132 -36.00 -1.75 -37.94
CA LYS D 132 -36.64 -0.45 -38.05
C LYS D 132 -38.14 -0.63 -37.85
N GLY D 133 -38.71 0.16 -36.95
CA GLY D 133 -40.12 0.08 -36.69
C GLY D 133 -40.45 -0.84 -35.54
N SER D 134 -39.64 -1.88 -35.35
CA SER D 134 -39.89 -2.83 -34.27
C SER D 134 -40.27 -2.11 -32.96
N GLY D 135 -39.77 -0.89 -32.81
CA GLY D 135 -40.03 -0.10 -31.61
C GLY D 135 -38.76 0.53 -31.08
N LYS D 136 -38.71 1.86 -31.05
CA LYS D 136 -37.53 2.57 -30.55
C LYS D 136 -36.89 1.89 -29.35
N THR D 137 -35.63 1.51 -29.50
CA THR D 137 -34.90 0.84 -28.42
C THR D 137 -33.73 1.70 -27.97
N ASN D 138 -33.77 2.18 -26.73
CA ASN D 138 -32.69 3.00 -26.18
C ASN D 138 -31.56 2.12 -25.67
N ILE D 139 -30.35 2.41 -26.13
CA ILE D 139 -29.18 1.63 -25.76
C ILE D 139 -28.08 2.50 -25.14
N ALA D 140 -27.22 1.90 -24.32
CA ALA D 140 -26.13 2.61 -23.67
C ALA D 140 -24.77 2.06 -24.06
N LEU D 141 -23.88 2.94 -24.53
CA LEU D 141 -22.54 2.54 -24.97
C LEU D 141 -21.42 2.69 -23.94
N LEU D 142 -20.85 1.57 -23.49
CA LEU D 142 -19.75 1.60 -22.54
C LEU D 142 -18.57 0.83 -23.13
N LEU D 143 -18.00 1.39 -24.19
CA LEU D 143 -16.90 0.78 -24.91
C LEU D 143 -15.57 0.74 -24.18
N GLY D 144 -15.06 1.90 -23.77
CA GLY D 144 -13.79 1.92 -23.08
C GLY D 144 -13.16 3.29 -23.08
N PRO D 145 -11.82 3.37 -23.06
CA PRO D 145 -11.10 4.64 -23.07
C PRO D 145 -11.36 5.57 -24.27
N ARG D 146 -10.29 6.06 -24.89
CA ARG D 146 -10.40 6.95 -26.04
C ARG D 146 -9.29 6.75 -27.06
N THR D 147 -8.85 5.50 -27.23
CA THR D 147 -7.80 5.17 -28.21
C THR D 147 -7.80 3.73 -28.74
N ARG D 148 -6.99 2.83 -28.16
CA ARG D 148 -6.87 1.43 -28.61
C ARG D 148 -8.13 0.71 -29.09
N GLY D 149 -8.37 0.79 -30.40
CA GLY D 149 -9.55 0.14 -31.02
C GLY D 149 -10.77 0.00 -30.13
N GLY D 150 -10.97 1.02 -29.30
CA GLY D 150 -12.08 1.01 -28.37
C GLY D 150 -13.05 2.10 -28.69
N THR D 151 -12.69 2.92 -29.68
CA THR D 151 -13.54 4.02 -30.12
C THR D 151 -13.82 3.90 -31.62
N LYS D 152 -13.56 4.98 -32.36
CA LYS D 152 -13.81 5.06 -33.80
C LYS D 152 -13.64 3.77 -34.59
N PRO D 153 -12.66 2.92 -34.20
CA PRO D 153 -12.56 1.68 -34.98
C PRO D 153 -13.83 0.86 -34.80
N VAL D 154 -14.11 0.50 -33.54
CA VAL D 154 -15.29 -0.27 -33.18
C VAL D 154 -16.58 0.53 -33.31
N THR D 155 -16.51 1.81 -32.95
CA THR D 155 -17.66 2.69 -33.03
C THR D 155 -18.25 2.65 -34.45
N THR D 156 -17.52 3.22 -35.41
CA THR D 156 -18.02 3.23 -36.79
C THR D 156 -18.49 1.84 -37.21
N GLY D 157 -17.80 0.81 -36.72
CA GLY D 157 -18.21 -0.55 -37.03
C GLY D 157 -19.60 -0.75 -36.45
N PHE D 158 -19.74 -0.55 -35.14
CA PHE D 158 -21.03 -0.69 -34.47
C PHE D 158 -22.06 0.24 -35.09
N TYR D 159 -21.66 1.50 -35.28
CA TYR D 159 -22.55 2.49 -35.85
C TYR D 159 -23.21 2.05 -37.15
N GLU D 160 -22.42 1.56 -38.10
CA GLU D 160 -22.95 1.12 -39.39
C GLU D 160 -24.03 0.07 -39.25
N ALA D 161 -23.67 -1.06 -38.66
CA ALA D 161 -24.62 -2.15 -38.46
C ALA D 161 -25.90 -1.75 -37.72
N ILE D 162 -25.89 -0.59 -37.08
CA ILE D 162 -27.05 -0.15 -36.30
C ILE D 162 -27.83 1.02 -36.89
N LYS D 163 -27.25 1.71 -37.86
CA LYS D 163 -27.91 2.91 -38.40
C LYS D 163 -29.33 2.80 -38.95
N ASN D 164 -29.58 1.92 -39.91
CA ASN D 164 -30.92 1.82 -40.46
C ASN D 164 -31.78 0.81 -39.71
N SER D 165 -32.19 1.18 -38.51
CA SER D 165 -33.01 0.34 -37.67
C SER D 165 -33.59 1.20 -36.54
N ASP D 166 -34.37 0.59 -35.66
CA ASP D 166 -34.98 1.33 -34.56
C ASP D 166 -34.25 1.18 -33.24
N ILE D 167 -32.96 1.53 -33.27
CA ILE D 167 -32.10 1.47 -32.11
C ILE D 167 -31.51 2.85 -31.90
N HIS D 168 -31.79 3.46 -30.74
CA HIS D 168 -31.29 4.79 -30.41
C HIS D 168 -30.22 4.68 -29.33
N ILE D 169 -29.24 5.56 -29.38
CA ILE D 169 -28.17 5.58 -28.38
C ILE D 169 -28.52 6.70 -27.40
N VAL D 170 -28.77 6.34 -26.15
CA VAL D 170 -29.10 7.33 -25.14
C VAL D 170 -27.88 8.19 -24.92
N ASP D 171 -26.73 7.53 -24.84
CA ASP D 171 -25.46 8.21 -24.67
C ASP D 171 -24.32 7.20 -24.64
N SER D 172 -23.11 7.71 -24.40
CA SER D 172 -21.94 6.86 -24.35
C SER D 172 -20.99 7.36 -23.26
N PHE D 173 -20.47 6.44 -22.47
CA PHE D 173 -19.55 6.80 -21.40
C PHE D 173 -18.19 6.17 -21.58
N TRP D 174 -17.17 7.01 -21.59
CA TRP D 174 -15.80 6.55 -21.78
C TRP D 174 -15.08 6.49 -20.44
N ALA D 175 -14.12 5.58 -20.34
CA ALA D 175 -13.34 5.41 -19.13
C ALA D 175 -12.42 4.23 -19.36
N ASP D 176 -11.27 4.25 -18.73
CA ASP D 176 -10.32 3.17 -18.89
C ASP D 176 -10.97 1.81 -18.59
N ASN D 177 -10.38 0.73 -19.08
CA ASN D 177 -10.97 -0.57 -18.85
C ASN D 177 -10.59 -1.19 -17.52
N ASP D 178 -10.96 -0.49 -16.47
CA ASP D 178 -10.72 -0.95 -15.11
C ASP D 178 -12.12 -1.40 -14.69
N LYS D 179 -12.24 -2.56 -14.06
CA LYS D 179 -13.56 -3.01 -13.66
C LYS D 179 -14.29 -1.96 -12.84
N GLU D 180 -13.60 -1.39 -11.85
CA GLU D 180 -14.19 -0.37 -10.99
C GLU D 180 -14.65 0.92 -11.67
N LEU D 181 -13.86 1.41 -12.61
CA LEU D 181 -14.22 2.64 -13.33
C LEU D 181 -15.43 2.37 -14.22
N GLN D 182 -15.51 1.15 -14.74
CA GLN D 182 -16.61 0.75 -15.61
C GLN D 182 -17.85 0.48 -14.75
N ARG D 183 -17.65 -0.18 -13.61
CA ARG D 183 -18.76 -0.49 -12.70
C ARG D 183 -19.48 0.81 -12.45
N ASN D 184 -18.69 1.83 -12.10
CA ASN D 184 -19.21 3.15 -11.83
C ASN D 184 -20.00 3.65 -13.05
N LEU D 185 -19.49 3.35 -14.24
CA LEU D 185 -20.16 3.76 -15.47
C LEU D 185 -21.47 3.00 -15.69
N VAL D 186 -21.49 1.75 -15.25
CA VAL D 186 -22.67 0.92 -15.41
C VAL D 186 -23.75 1.42 -14.46
N GLN D 187 -23.35 1.64 -13.20
CA GLN D 187 -24.26 2.11 -12.15
C GLN D 187 -24.95 3.36 -12.61
N ARG D 188 -24.18 4.31 -13.14
CA ARG D 188 -24.76 5.55 -13.62
C ARG D 188 -25.82 5.20 -14.66
N VAL D 189 -25.51 4.20 -15.48
CA VAL D 189 -26.43 3.76 -16.52
C VAL D 189 -27.73 3.24 -15.94
N ILE D 190 -27.63 2.29 -15.01
CA ILE D 190 -28.81 1.72 -14.37
C ILE D 190 -29.69 2.81 -13.78
N ASP D 191 -29.07 3.88 -13.28
CA ASP D 191 -29.80 5.00 -12.69
C ASP D 191 -30.57 5.87 -13.69
N MET D 192 -30.08 5.95 -14.92
CA MET D 192 -30.76 6.75 -15.93
C MET D 192 -32.21 6.32 -15.99
N GLY D 193 -32.45 5.12 -16.50
CA GLY D 193 -33.81 4.60 -16.59
C GLY D 193 -34.26 4.10 -17.96
N ASN D 194 -34.03 4.89 -19.01
CA ASN D 194 -34.44 4.52 -20.37
C ASN D 194 -33.62 3.42 -21.02
N ILE D 195 -32.59 2.93 -20.35
CA ILE D 195 -31.74 1.93 -20.95
C ILE D 195 -32.30 0.53 -21.08
N ASP D 196 -32.36 0.07 -22.33
CA ASP D 196 -32.82 -1.26 -22.69
C ASP D 196 -31.63 -2.20 -22.71
N TYR D 197 -30.60 -1.82 -23.49
CA TYR D 197 -29.38 -2.62 -23.61
C TYR D 197 -28.13 -1.81 -23.28
N ILE D 198 -27.07 -2.53 -22.95
CA ILE D 198 -25.77 -1.95 -22.67
C ILE D 198 -24.78 -2.72 -23.54
N VAL D 199 -24.11 -2.01 -24.43
CA VAL D 199 -23.10 -2.63 -25.27
C VAL D 199 -21.76 -2.02 -24.90
N GLY D 200 -20.86 -2.85 -24.36
CA GLY D 200 -19.57 -2.34 -23.98
C GLY D 200 -18.46 -3.38 -23.96
N SER D 201 -17.34 -3.02 -23.35
CA SER D 201 -16.18 -3.91 -23.26
C SER D 201 -16.49 -5.14 -22.44
N ALA D 202 -15.64 -6.14 -22.55
CA ALA D 202 -15.89 -7.34 -21.78
C ALA D 202 -15.83 -6.92 -20.32
N VAL D 203 -15.03 -5.88 -20.05
CA VAL D 203 -14.87 -5.36 -18.70
C VAL D 203 -16.22 -4.79 -18.27
N ALA D 204 -16.71 -3.82 -19.03
CA ALA D 204 -18.00 -3.22 -18.71
C ALA D 204 -19.05 -4.32 -18.46
N ILE D 205 -19.33 -5.12 -19.49
CA ILE D 205 -20.32 -6.17 -19.38
C ILE D 205 -20.10 -7.04 -18.15
N GLU D 206 -18.89 -7.51 -17.89
CA GLU D 206 -18.70 -8.35 -16.70
C GLU D 206 -19.25 -7.67 -15.44
N ALA D 207 -18.95 -6.37 -15.29
CA ALA D 207 -19.40 -5.56 -14.17
C ALA D 207 -20.92 -5.45 -14.20
N ALA D 208 -21.48 -5.19 -15.38
CA ALA D 208 -22.93 -5.09 -15.54
C ALA D 208 -23.61 -6.36 -15.04
N ILE D 209 -23.00 -7.51 -15.30
CA ILE D 209 -23.59 -8.76 -14.84
C ILE D 209 -23.80 -8.75 -13.33
N SER D 210 -22.81 -8.29 -12.57
CA SER D 210 -23.00 -8.27 -11.12
C SER D 210 -23.85 -7.10 -10.67
N GLU D 211 -23.75 -6.00 -11.40
CA GLU D 211 -24.51 -4.81 -11.06
C GLU D 211 -25.99 -4.95 -11.33
N LEU D 212 -26.35 -5.67 -12.38
CA LEU D 212 -27.77 -5.85 -12.73
C LEU D 212 -28.44 -6.80 -11.75
N ARG D 213 -27.67 -7.73 -11.20
CA ARG D 213 -28.21 -8.66 -10.21
C ARG D 213 -28.36 -7.89 -8.90
N SER D 214 -27.25 -7.33 -8.43
CA SER D 214 -27.25 -6.55 -7.20
C SER D 214 -28.33 -5.47 -7.19
N ALA D 215 -28.90 -5.14 -8.35
CA ALA D 215 -29.93 -4.12 -8.45
C ALA D 215 -31.25 -4.64 -9.04
N ASP D 216 -31.44 -5.96 -9.00
CA ASP D 216 -32.64 -6.63 -9.52
C ASP D 216 -33.15 -6.17 -10.87
N LYS D 217 -32.23 -5.93 -11.81
CA LYS D 217 -32.61 -5.50 -13.16
C LYS D 217 -31.95 -6.45 -14.16
N THR D 218 -31.63 -7.64 -13.66
CA THR D 218 -31.01 -8.69 -14.44
C THR D 218 -31.77 -8.91 -15.73
N HIS D 219 -33.10 -8.96 -15.63
CA HIS D 219 -33.96 -9.18 -16.79
C HIS D 219 -34.60 -7.89 -17.33
N ASP D 220 -33.97 -6.75 -17.07
CA ASP D 220 -34.51 -5.47 -17.52
C ASP D 220 -33.56 -4.75 -18.49
N ILE D 221 -32.28 -5.11 -18.44
CA ILE D 221 -31.28 -4.53 -19.33
C ILE D 221 -30.50 -5.67 -19.98
N GLY D 222 -30.43 -5.65 -21.31
CA GLY D 222 -29.72 -6.69 -22.04
C GLY D 222 -28.27 -6.33 -22.28
N LEU D 223 -27.37 -7.28 -21.99
CA LEU D 223 -25.93 -7.06 -22.14
C LEU D 223 -25.33 -7.61 -23.44
N VAL D 224 -24.65 -6.73 -24.18
CA VAL D 224 -24.03 -7.07 -25.44
C VAL D 224 -22.56 -6.64 -25.41
N SER D 225 -21.67 -7.64 -25.46
CA SER D 225 -20.22 -7.43 -25.44
C SER D 225 -19.67 -7.02 -26.80
N VAL D 226 -18.51 -6.35 -26.82
CA VAL D 226 -17.90 -5.95 -28.10
C VAL D 226 -16.74 -6.91 -28.40
N TYR D 227 -16.51 -7.85 -27.48
CA TYR D 227 -15.48 -8.90 -27.64
C TYR D 227 -15.69 -9.94 -26.54
N LEU D 228 -14.95 -11.03 -26.57
CA LEU D 228 -15.14 -12.09 -25.58
C LEU D 228 -14.06 -12.21 -24.53
N SER D 229 -14.44 -12.79 -23.39
CA SER D 229 -13.53 -13.01 -22.27
C SER D 229 -14.11 -14.14 -21.43
N HIS D 230 -13.29 -14.77 -20.61
CA HIS D 230 -13.78 -15.88 -19.79
C HIS D 230 -14.98 -15.49 -18.95
N GLY D 231 -15.17 -14.19 -18.74
CA GLY D 231 -16.30 -13.76 -17.94
C GLY D 231 -17.53 -13.57 -18.79
N VAL D 232 -17.36 -12.89 -19.91
CA VAL D 232 -18.45 -12.66 -20.85
C VAL D 232 -18.95 -14.00 -21.39
N TYR D 233 -18.05 -14.99 -21.45
CA TYR D 233 -18.41 -16.32 -21.91
C TYR D 233 -19.34 -16.96 -20.88
N ARG D 234 -18.90 -17.08 -19.63
CA ARG D 234 -19.73 -17.68 -18.58
C ARG D 234 -21.11 -17.01 -18.55
N GLY D 235 -21.16 -15.76 -18.95
CA GLY D 235 -22.42 -15.03 -18.97
C GLY D 235 -23.30 -15.51 -20.10
N LEU D 236 -22.69 -15.81 -21.23
CA LEU D 236 -23.42 -16.31 -22.39
C LEU D 236 -23.98 -17.67 -21.98
N LEU D 237 -23.13 -18.48 -21.35
CA LEU D 237 -23.53 -19.81 -20.89
C LEU D 237 -24.72 -19.78 -19.92
N ARG D 238 -25.02 -18.63 -19.35
CA ARG D 238 -26.11 -18.50 -18.39
C ARG D 238 -27.09 -17.39 -18.74
N ASN D 239 -27.24 -17.11 -20.03
CA ASN D 239 -28.16 -16.07 -20.49
C ASN D 239 -28.01 -14.73 -19.80
N LYS D 240 -26.99 -14.61 -18.96
CA LYS D 240 -26.73 -13.36 -18.27
C LYS D 240 -26.23 -12.37 -19.31
N VAL D 241 -25.81 -12.90 -20.46
CA VAL D 241 -25.33 -12.07 -21.57
C VAL D 241 -26.07 -12.49 -22.83
N LEU D 242 -26.36 -11.54 -23.72
CA LEU D 242 -27.08 -11.89 -24.93
C LEU D 242 -26.16 -12.28 -26.07
N PHE D 243 -25.38 -11.32 -26.54
CA PHE D 243 -24.47 -11.54 -27.66
C PHE D 243 -23.00 -11.29 -27.28
N ALA D 244 -22.10 -11.50 -28.24
CA ALA D 244 -20.67 -11.30 -28.06
C ALA D 244 -19.87 -11.87 -29.23
N PRO D 245 -19.26 -10.99 -30.04
CA PRO D 245 -18.48 -11.46 -31.18
C PRO D 245 -17.11 -11.95 -30.71
N THR D 246 -16.75 -13.19 -31.02
CA THR D 246 -15.45 -13.72 -30.61
C THR D 246 -14.46 -13.64 -31.77
N ASP D 247 -13.33 -12.97 -31.54
CA ASP D 247 -12.31 -12.83 -32.57
C ASP D 247 -11.21 -13.87 -32.36
N LYS D 248 -11.62 -14.99 -31.78
CA LYS D 248 -10.76 -16.13 -31.52
C LYS D 248 -9.34 -15.70 -31.20
N MET D 249 -9.05 -15.63 -29.90
CA MET D 249 -7.74 -15.22 -29.42
C MET D 249 -6.70 -16.34 -29.45
N VAL D 250 -7.00 -17.45 -28.78
CA VAL D 250 -6.09 -18.58 -28.73
C VAL D 250 -5.52 -18.84 -30.12
N GLN D 251 -6.37 -18.77 -31.14
CA GLN D 251 -5.92 -18.99 -32.51
C GLN D 251 -5.12 -17.80 -33.02
N GLN D 252 -5.51 -16.59 -32.61
CA GLN D 252 -4.82 -15.38 -33.05
C GLN D 252 -3.37 -15.46 -32.61
N GLY D 253 -3.13 -16.26 -31.59
CA GLY D 253 -1.78 -16.45 -31.09
C GLY D 253 -1.05 -17.43 -31.98
N ARG D 254 -1.64 -18.62 -32.14
CA ARG D 254 -1.06 -19.67 -32.99
C ARG D 254 -0.63 -19.06 -34.31
N LEU D 255 -1.49 -18.23 -34.87
CA LEU D 255 -1.20 -17.59 -36.14
C LEU D 255 0.17 -16.89 -36.15
N SER D 256 0.44 -16.06 -35.14
CA SER D 256 1.73 -15.34 -35.05
C SER D 256 2.91 -16.28 -34.92
N VAL D 257 2.77 -17.31 -34.09
CA VAL D 257 3.86 -18.27 -33.93
C VAL D 257 4.19 -18.86 -35.29
N MET D 258 3.17 -19.43 -35.94
CA MET D 258 3.33 -20.03 -37.25
C MET D 258 3.98 -19.06 -38.23
N GLN D 259 3.42 -17.86 -38.32
CA GLN D 259 3.97 -16.86 -39.23
C GLN D 259 5.51 -16.76 -39.15
N ALA D 260 6.04 -16.55 -37.95
CA ALA D 260 7.49 -16.43 -37.79
C ALA D 260 8.19 -17.77 -37.97
N ALA D 261 7.59 -18.85 -37.48
CA ALA D 261 8.19 -20.17 -37.61
C ALA D 261 8.32 -20.60 -39.09
N HIS D 262 7.46 -20.04 -39.93
CA HIS D 262 7.46 -20.33 -41.37
C HIS D 262 8.47 -19.46 -42.09
N TYR D 263 8.47 -18.16 -41.78
CA TYR D 263 9.41 -17.24 -42.40
C TYR D 263 10.83 -17.64 -42.02
N LEU D 264 10.96 -18.48 -41.00
CA LEU D 264 12.28 -18.92 -40.57
C LEU D 264 12.60 -20.35 -41.02
N ARG D 265 11.77 -20.89 -41.90
CA ARG D 265 12.00 -22.22 -42.44
C ARG D 265 11.59 -22.14 -43.92
N HIS D 266 11.40 -20.90 -44.37
CA HIS D 266 11.00 -20.55 -45.72
C HIS D 266 9.80 -21.32 -46.25
N GLN D 267 8.80 -21.51 -45.40
CA GLN D 267 7.58 -22.20 -45.80
C GLN D 267 6.55 -21.10 -46.07
N PRO D 268 5.46 -21.44 -46.76
CA PRO D 268 4.46 -20.43 -47.05
C PRO D 268 3.59 -20.08 -45.84
N TYR D 269 3.48 -18.79 -45.55
CA TYR D 269 2.67 -18.31 -44.43
C TYR D 269 1.90 -17.08 -44.93
N GLU D 270 0.71 -16.85 -44.39
CA GLU D 270 -0.06 -15.69 -44.82
C GLU D 270 0.59 -14.42 -44.29
N LYS D 271 0.97 -13.53 -45.20
CA LYS D 271 1.61 -12.28 -44.81
C LYS D 271 0.73 -11.49 -43.83
N GLN D 272 -0.48 -11.14 -44.26
CA GLN D 272 -1.38 -10.39 -43.41
C GLN D 272 -2.57 -11.27 -43.03
N ALA D 273 -2.38 -12.13 -42.03
CA ALA D 273 -3.42 -13.02 -41.57
C ALA D 273 -4.35 -12.39 -40.50
N SER D 274 -5.52 -13.00 -40.34
CA SER D 274 -6.53 -12.54 -39.40
C SER D 274 -7.69 -13.53 -39.36
N PRO D 275 -7.89 -14.22 -38.23
CA PRO D 275 -8.99 -15.18 -38.14
C PRO D 275 -10.33 -14.55 -38.47
N ILE D 276 -11.35 -15.39 -38.59
CA ILE D 276 -12.67 -14.91 -38.93
C ILE D 276 -13.53 -14.80 -37.68
N ILE D 277 -14.09 -13.61 -37.47
CA ILE D 277 -14.93 -13.32 -36.32
C ILE D 277 -16.21 -14.15 -36.32
N LYS D 278 -16.48 -14.84 -35.22
CA LYS D 278 -17.67 -15.67 -35.12
C LYS D 278 -18.70 -15.17 -34.10
N PRO D 279 -19.98 -15.04 -34.51
CA PRO D 279 -21.08 -14.58 -33.65
C PRO D 279 -21.40 -15.61 -32.59
N LEU D 280 -21.54 -15.17 -31.34
CA LEU D 280 -21.86 -16.07 -30.23
C LEU D 280 -23.12 -15.66 -29.46
N THR D 281 -23.90 -16.65 -29.06
CA THR D 281 -25.13 -16.41 -28.31
C THR D 281 -25.23 -17.47 -27.24
N PRO D 282 -26.16 -17.30 -26.28
CA PRO D 282 -26.37 -18.23 -25.17
C PRO D 282 -26.42 -19.72 -25.51
N LYS D 283 -26.78 -20.04 -26.75
CA LYS D 283 -26.86 -21.42 -27.18
C LYS D 283 -25.95 -21.66 -28.38
N THR D 284 -25.59 -20.57 -29.07
CA THR D 284 -24.72 -20.62 -30.25
C THR D 284 -23.25 -20.82 -29.85
N LEU D 285 -23.02 -21.48 -28.73
CA LEU D 285 -21.65 -21.70 -28.25
C LEU D 285 -20.96 -22.93 -28.77
N HIS D 286 -20.65 -22.94 -30.07
CA HIS D 286 -19.97 -24.07 -30.71
C HIS D 286 -18.60 -24.32 -30.07
N ASP D 287 -18.40 -25.49 -29.48
CA ASP D 287 -17.13 -25.81 -28.84
C ASP D 287 -15.90 -25.55 -29.71
N ASP D 288 -15.87 -26.09 -30.91
CA ASP D 288 -14.71 -25.90 -31.79
C ASP D 288 -14.23 -24.45 -31.87
N THR D 289 -15.16 -23.50 -31.82
CA THR D 289 -14.79 -22.09 -31.91
C THR D 289 -14.35 -21.47 -30.59
N ILE D 290 -14.90 -21.91 -29.46
CA ILE D 290 -14.48 -21.34 -28.20
C ILE D 290 -13.11 -21.87 -27.82
N GLU D 291 -12.67 -22.92 -28.50
CA GLU D 291 -11.36 -23.49 -28.21
C GLU D 291 -10.27 -22.62 -28.79
N GLU D 292 -10.55 -21.99 -29.93
CA GLU D 292 -9.60 -21.12 -30.58
C GLU D 292 -9.87 -19.71 -30.07
N SER D 293 -10.55 -19.64 -28.94
CA SER D 293 -10.90 -18.36 -28.33
C SER D 293 -10.40 -18.19 -26.90
N LEU D 294 -10.97 -18.94 -25.97
CA LEU D 294 -10.58 -18.80 -24.58
C LEU D 294 -9.84 -19.98 -23.99
N SER D 295 -8.68 -19.70 -23.42
CA SER D 295 -7.82 -20.70 -22.79
C SER D 295 -8.56 -21.62 -21.81
N PRO D 296 -8.02 -22.82 -21.59
CA PRO D 296 -8.60 -23.83 -20.69
C PRO D 296 -8.58 -23.38 -19.24
N SER D 297 -9.19 -24.18 -18.38
CA SER D 297 -9.22 -23.89 -16.96
C SER D 297 -8.02 -24.62 -16.37
N GLU D 298 -7.81 -24.49 -15.07
CA GLU D 298 -6.68 -25.14 -14.40
C GLU D 298 -5.36 -24.74 -15.08
N TYR D 299 -5.48 -24.12 -16.25
CA TYR D 299 -4.33 -23.67 -17.02
C TYR D 299 -3.60 -22.58 -16.23
N ARG D 300 -2.49 -22.11 -16.78
CA ARG D 300 -1.69 -21.07 -16.16
C ARG D 300 -0.78 -20.50 -17.23
N PRO D 301 -0.66 -19.16 -17.29
CA PRO D 301 0.22 -18.58 -18.31
C PRO D 301 1.64 -19.09 -18.12
N THR D 302 2.28 -19.44 -19.22
CA THR D 302 3.65 -19.96 -19.18
C THR D 302 4.58 -19.24 -20.15
C2 PE4 E . -10.98 24.24 23.77
O2 PE4 E . -11.22 24.70 22.44
C3 PE4 E . -9.92 24.99 21.86
C4 PE4 E . -10.05 25.47 20.40
O3 PE4 E . -11.06 24.71 19.71
C5 PE4 E . -11.12 25.16 18.35
C6 PE4 E . -12.21 24.36 17.58
O4 PE4 E . -11.86 22.96 17.52
C7 PE4 E . -12.88 22.22 16.79
C8 PE4 E . -12.47 20.71 16.77
O5 PE4 E . -11.30 20.51 15.95
C9 PE4 E . -10.92 19.12 15.96
C10 PE4 E . -9.69 18.88 15.03
O6 PE4 E . -9.91 19.56 13.77
C11 PE4 E . -8.78 19.35 12.88
C12 PE4 E . -9.04 20.14 11.57
O7 PE4 E . -8.70 21.53 11.82
C13 PE4 E . -8.93 22.34 10.65
C14 PE4 E . -8.56 23.79 10.99
O8 PE4 E . -7.21 24.09 10.50
C15 PE4 E . -6.87 25.44 10.84
#